data_4HSA
#
_entry.id   4HSA
#
_cell.length_a   138.710
_cell.length_b   138.710
_cell.length_c   179.090
_cell.angle_alpha   90.00
_cell.angle_beta   90.00
_cell.angle_gamma   120.00
#
_symmetry.space_group_name_H-M   'P 31 2 1'
#
loop_
_entity.id
_entity.type
_entity.pdbx_description
1 polymer Interleukin-17A
2 polymer 'Interleukin-17 receptor A'
3 branched alpha-D-mannopyranose-(1-3)-alpha-D-mannopyranose-(1-4)-2-acetamido-2-deoxy-beta-D-glucopyranose-(1-4)-[alpha-L-fucopyranose-(1-6)]2-acetamido-2-deoxy-beta-D-glucopyranose
4 branched 2-acetamido-2-deoxy-beta-D-glucopyranose-(1-4)-[alpha-L-fucopyranose-(1-6)]2-acetamido-2-deoxy-beta-D-glucopyranose
5 branched alpha-L-fucopyranose-(1-6)-2-acetamido-2-deoxy-beta-D-glucopyranose
6 non-polymer 2-acetamido-2-deoxy-beta-D-glucopyranose
7 water water
#
loop_
_entity_poly.entity_id
_entity_poly.type
_entity_poly.pdbx_seq_one_letter_code
_entity_poly.pdbx_strand_id
1 'polypeptide(L)'
;PNSEDKNFPRTVMVNLNIHNRNTNTNPKRSSDYYDRSTSPWNLHRNEDPERYPSVIWEAKCRHLGCINADGNVDYHMNSV
PIQQEILVLRREPPHSPNSFRLEKILVSVGCTCVTPIVHHVA
;
A,B,D,E
2 'polypeptide(L)'
;SLRLLDHRALVCSQPGLNCTVKNSTCLDDSWIHPRNLTPSSPKDLQIQLHFAHTQQGDLFPVAHIEWTLQTDASILYLEG
AELSVLQLNTNERLCVRFEFLSKLRHHHRRWRFTFSHFVVDPDQEYEVTVHHLPKPIPDGDPNHQSKNFLVPDCEHARMK
VTTPCMSSGSLWDPDITVETLEAHQLRVSFTLWNESTHYQILLTSFPHMENHSCFEHMHHIPAPRPEEFHQRSDVTLTLR
NLKGCCRHQVQIQPFFSSCLNDCLRHSATVSCPEMPDTPEPIPDYMLVPRGSDYKDDDDKG
;
C,F
#
# COMPACT_ATOMS: atom_id res chain seq x y z
N ASN A 7 25.34 9.91 36.59
CA ASN A 7 25.05 10.07 38.02
C ASN A 7 25.77 11.32 38.59
N PHE A 8 25.17 12.13 39.52
CA PHE A 8 23.87 12.01 40.24
C PHE A 8 22.63 11.74 39.28
N PRO A 9 21.70 10.79 39.67
CA PRO A 9 20.58 10.39 38.78
C PRO A 9 19.54 11.45 38.41
N ARG A 10 19.18 11.44 37.09
CA ARG A 10 18.23 12.39 36.59
C ARG A 10 16.97 11.73 36.20
N THR A 11 16.07 11.86 37.15
CA THR A 11 14.69 11.45 37.18
C THR A 11 13.97 12.74 36.77
N VAL A 12 12.91 12.65 35.96
CA VAL A 12 12.28 13.85 35.45
C VAL A 12 10.72 13.87 35.60
N MET A 13 10.08 14.95 35.10
CA MET A 13 8.66 15.21 35.15
C MET A 13 8.09 14.92 33.80
N VAL A 14 7.28 13.89 33.71
CA VAL A 14 6.71 13.48 32.43
C VAL A 14 5.21 13.66 32.38
N ASN A 15 4.72 14.34 31.35
CA ASN A 15 3.30 14.53 31.07
C ASN A 15 2.77 13.24 30.38
N LEU A 16 1.91 12.46 31.06
CA LEU A 16 1.35 11.24 30.47
C LEU A 16 0.27 11.53 29.42
N ASN A 17 0.70 11.63 28.15
CA ASN A 17 -0.21 11.87 27.03
C ASN A 17 -0.30 10.56 26.26
N ILE A 18 -1.13 9.66 26.78
CA ILE A 18 -1.30 8.33 26.23
C ILE A 18 -2.10 8.34 24.88
N HIS A 19 -3.39 8.82 24.87
CA HIS A 19 -4.24 8.85 23.66
C HIS A 19 -3.97 10.05 22.72
N SER A 31 -5.50 -6.89 16.65
CA SER A 31 -6.91 -7.32 16.63
C SER A 31 -7.17 -8.50 15.64
N ASP A 32 -6.11 -9.01 14.94
CA ASP A 32 -6.19 -10.19 14.04
C ASP A 32 -4.80 -10.69 13.55
N TYR A 33 -4.79 -11.36 12.32
CA TYR A 33 -3.70 -11.95 11.54
C TYR A 33 -3.14 -13.19 12.15
N TYR A 34 -2.88 -13.19 13.46
CA TYR A 34 -2.32 -14.33 14.22
C TYR A 34 -3.02 -15.66 13.87
N ASP A 35 -4.33 -15.62 13.54
CA ASP A 35 -5.09 -16.79 13.15
C ASP A 35 -5.04 -17.03 11.63
N ARG A 36 -4.98 -15.96 10.85
CA ARG A 36 -5.01 -16.00 9.39
C ARG A 36 -3.64 -16.19 8.72
N SER A 37 -2.53 -16.02 9.44
CA SER A 37 -1.20 -16.14 8.84
C SER A 37 -0.80 -17.54 8.40
N THR A 38 0.10 -17.63 7.39
CA THR A 38 0.64 -18.92 6.94
C THR A 38 1.59 -19.39 8.01
N SER A 39 2.12 -18.45 8.81
CA SER A 39 2.92 -18.70 10.01
C SER A 39 2.05 -18.26 11.24
N PRO A 40 0.99 -19.03 11.62
CA PRO A 40 0.13 -18.55 12.72
C PRO A 40 0.81 -18.61 14.09
N TRP A 41 0.35 -17.75 15.01
CA TRP A 41 0.87 -17.68 16.36
C TRP A 41 -0.18 -17.57 17.44
N ASN A 42 0.20 -17.86 18.71
CA ASN A 42 -0.68 -17.80 19.88
C ASN A 42 -0.28 -16.66 20.76
N LEU A 43 -1.25 -15.92 21.29
CA LEU A 43 -0.88 -14.78 22.13
C LEU A 43 -1.05 -15.10 23.58
N HIS A 44 -0.01 -14.79 24.38
CA HIS A 44 0.02 -15.07 25.81
C HIS A 44 0.04 -13.79 26.60
N ARG A 45 -0.93 -13.68 27.52
CA ARG A 45 -1.15 -12.53 28.38
C ARG A 45 -0.05 -12.41 29.41
N ASN A 46 0.59 -11.24 29.47
CA ASN A 46 1.62 -10.95 30.46
C ASN A 46 1.11 -9.81 31.31
N GLU A 47 0.55 -10.11 32.47
CA GLU A 47 0.03 -9.09 33.39
C GLU A 47 1.08 -8.73 34.46
N ASP A 48 1.14 -7.44 34.82
CA ASP A 48 2.01 -6.89 35.87
C ASP A 48 1.37 -5.57 36.35
N PRO A 49 0.80 -5.54 37.58
CA PRO A 49 0.15 -4.29 38.06
C PRO A 49 1.15 -3.17 38.34
N GLU A 50 2.40 -3.57 38.63
CA GLU A 50 3.59 -2.77 38.89
C GLU A 50 4.20 -2.20 37.59
N ARG A 51 3.57 -2.46 36.43
CA ARG A 51 4.10 -2.03 35.15
C ARG A 51 3.08 -1.26 34.35
N TYR A 52 3.56 -0.40 33.46
CA TYR A 52 2.76 0.31 32.49
C TYR A 52 3.43 0.20 31.09
N PRO A 53 2.80 -0.38 30.02
CA PRO A 53 1.48 -1.05 29.94
C PRO A 53 1.39 -2.18 30.95
N SER A 54 0.25 -2.37 31.61
CA SER A 54 0.14 -3.42 32.65
C SER A 54 0.01 -4.81 32.05
N VAL A 55 -0.77 -4.89 30.98
CA VAL A 55 -1.03 -6.12 30.27
C VAL A 55 -0.41 -6.05 28.85
N ILE A 56 0.54 -6.96 28.56
CA ILE A 56 1.14 -6.99 27.24
C ILE A 56 1.14 -8.46 26.67
N TRP A 57 0.77 -8.61 25.38
CA TRP A 57 0.60 -9.90 24.70
C TRP A 57 1.85 -10.39 23.94
N GLU A 58 2.30 -11.57 24.34
CA GLU A 58 3.49 -12.18 23.78
C GLU A 58 3.09 -13.24 22.75
N ALA A 59 3.60 -13.11 21.54
CA ALA A 59 3.32 -14.09 20.49
C ALA A 59 4.28 -15.26 20.63
N LYS A 60 3.79 -16.46 20.37
CA LYS A 60 4.58 -17.68 20.34
C LYS A 60 4.08 -18.45 19.08
N CYS A 61 4.97 -18.79 18.13
CA CYS A 61 4.56 -19.46 16.89
C CYS A 61 3.84 -20.79 17.15
N ARG A 62 2.68 -21.01 16.46
CA ARG A 62 1.85 -22.22 16.60
C ARG A 62 2.61 -23.46 16.17
N HIS A 63 3.31 -23.41 15.00
CA HIS A 63 4.07 -24.56 14.44
C HIS A 63 5.54 -24.25 14.08
N LEU A 64 6.34 -25.30 13.77
CA LEU A 64 7.73 -25.16 13.36
C LEU A 64 7.78 -24.89 11.87
N GLY A 65 6.85 -25.49 11.16
CA GLY A 65 6.72 -25.26 9.74
C GLY A 65 5.65 -24.22 9.54
N CYS A 66 5.39 -23.83 8.29
CA CYS A 66 4.34 -22.88 7.98
C CYS A 66 3.14 -23.72 7.63
N ILE A 67 2.06 -23.10 7.17
CA ILE A 67 0.83 -23.80 6.79
C ILE A 67 0.53 -23.61 5.30
N ASN A 68 0.11 -24.71 4.64
CA ASN A 68 -0.24 -24.71 3.22
C ASN A 68 -1.73 -24.48 3.06
N ALA A 69 -2.19 -24.35 1.81
CA ALA A 69 -3.59 -24.11 1.48
C ALA A 69 -4.54 -25.10 2.14
N ASP A 70 -4.18 -26.38 2.19
CA ASP A 70 -4.99 -27.46 2.77
C ASP A 70 -5.12 -27.40 4.31
N GLY A 71 -4.33 -26.54 4.96
CA GLY A 71 -4.36 -26.39 6.41
C GLY A 71 -3.33 -27.23 7.15
N ASN A 72 -2.69 -28.19 6.46
CA ASN A 72 -1.65 -29.05 7.05
C ASN A 72 -0.34 -28.27 7.16
N VAL A 73 0.57 -28.73 8.04
CA VAL A 73 1.84 -28.05 8.25
C VAL A 73 2.83 -28.34 7.10
N ASP A 74 3.25 -27.27 6.39
CA ASP A 74 4.24 -27.34 5.31
C ASP A 74 5.60 -27.48 5.97
N TYR A 75 6.25 -28.64 5.74
CA TYR A 75 7.55 -28.95 6.36
C TYR A 75 8.73 -28.32 5.63
N HIS A 76 8.48 -27.69 4.49
CA HIS A 76 9.49 -27.09 3.63
C HIS A 76 9.70 -25.60 3.85
N MET A 77 8.97 -25.05 4.83
CA MET A 77 8.98 -23.64 5.19
C MET A 77 9.16 -23.52 6.71
N ASN A 78 9.58 -22.34 7.20
CA ASN A 78 9.85 -22.16 8.62
C ASN A 78 9.04 -21.01 9.23
N SER A 79 8.20 -21.30 10.24
CA SER A 79 7.37 -20.34 10.99
C SER A 79 8.35 -19.80 12.05
N VAL A 80 8.66 -18.51 11.95
CA VAL A 80 9.75 -17.88 12.73
C VAL A 80 9.35 -16.50 13.41
N PRO A 81 9.76 -16.24 14.68
CA PRO A 81 9.29 -15.04 15.40
C PRO A 81 9.97 -13.73 15.15
N ILE A 82 9.14 -12.69 15.20
CA ILE A 82 9.54 -11.33 15.06
C ILE A 82 9.52 -10.75 16.44
N GLN A 83 10.70 -10.34 16.87
CA GLN A 83 10.90 -9.77 18.20
C GLN A 83 11.26 -8.29 18.17
N GLN A 84 11.06 -7.56 19.29
CA GLN A 84 11.36 -6.13 19.41
C GLN A 84 11.78 -5.69 20.82
N GLU A 85 12.76 -4.76 20.93
CA GLU A 85 13.15 -4.24 22.26
C GLU A 85 12.21 -3.05 22.50
N ILE A 86 11.50 -3.05 23.65
CA ILE A 86 10.52 -1.99 23.85
C ILE A 86 10.69 -1.34 25.18
N LEU A 87 10.10 -0.15 25.33
CA LEU A 87 10.12 0.60 26.57
C LEU A 87 8.87 0.36 27.39
N VAL A 88 9.01 0.22 28.71
CA VAL A 88 7.90 0.06 29.68
C VAL A 88 8.23 0.92 30.93
N LEU A 89 7.22 1.26 31.73
CA LEU A 89 7.43 1.99 32.99
C LEU A 89 7.17 1.07 34.15
N ARG A 90 8.08 1.02 35.13
CA ARG A 90 7.86 0.20 36.32
C ARG A 90 7.84 1.06 37.57
N ARG A 91 6.79 0.96 38.40
CA ARG A 91 6.66 1.71 39.66
C ARG A 91 7.89 1.61 40.58
N GLU A 92 8.53 2.76 40.84
CA GLU A 92 9.69 2.89 41.71
C GLU A 92 9.45 4.04 42.69
N PRO A 93 9.36 3.82 44.03
CA PRO A 93 9.37 2.53 44.75
C PRO A 93 8.15 1.67 44.39
N PRO A 94 8.10 0.36 44.74
CA PRO A 94 6.91 -0.43 44.38
C PRO A 94 5.64 0.16 44.94
N HIS A 95 4.58 0.04 44.13
CA HIS A 95 3.22 0.47 44.38
C HIS A 95 3.02 1.99 44.21
N SER A 96 4.11 2.76 43.97
CA SER A 96 4.01 4.22 43.81
C SER A 96 2.98 4.63 42.76
N PRO A 97 2.18 5.70 42.99
CA PRO A 97 1.21 6.11 41.96
C PRO A 97 1.81 7.07 40.93
N ASN A 98 2.84 7.86 41.38
CA ASN A 98 3.59 8.90 40.66
C ASN A 98 4.90 8.47 40.14
N SER A 99 5.73 7.80 40.95
CA SER A 99 7.05 7.50 40.44
C SER A 99 7.19 6.10 39.86
N PHE A 100 7.96 6.07 38.76
CA PHE A 100 8.28 4.94 37.93
C PHE A 100 9.73 5.06 37.50
N ARG A 101 10.27 3.99 36.92
CA ARG A 101 11.59 3.92 36.34
C ARG A 101 11.35 3.34 34.96
N LEU A 102 12.13 3.81 33.98
CA LEU A 102 12.06 3.35 32.60
C LEU A 102 12.80 1.99 32.45
N GLU A 103 12.18 1.01 31.76
CA GLU A 103 12.78 -0.32 31.51
C GLU A 103 12.69 -0.71 30.04
N LYS A 104 13.69 -1.49 29.57
CA LYS A 104 13.80 -2.06 28.22
C LYS A 104 13.37 -3.53 28.36
N ILE A 105 12.63 -4.07 27.40
CA ILE A 105 12.29 -5.47 27.47
C ILE A 105 12.13 -6.07 26.04
N LEU A 106 12.60 -7.33 25.83
CA LEU A 106 12.47 -7.99 24.52
C LEU A 106 11.17 -8.72 24.49
N VAL A 107 10.43 -8.57 23.39
CA VAL A 107 9.07 -9.08 23.23
C VAL A 107 8.82 -9.67 21.84
N SER A 108 8.07 -10.79 21.76
CA SER A 108 7.67 -11.37 20.47
C SER A 108 6.30 -10.78 20.10
N VAL A 109 6.26 -10.21 18.92
CA VAL A 109 5.16 -9.47 18.35
C VAL A 109 4.35 -10.32 17.34
N GLY A 110 5.01 -11.24 16.65
CA GLY A 110 4.36 -12.06 15.64
C GLY A 110 5.30 -13.02 14.93
N CYS A 111 4.76 -13.76 13.93
CA CYS A 111 5.56 -14.72 13.21
C CYS A 111 5.53 -14.45 11.72
N THR A 112 6.64 -14.81 11.04
CA THR A 112 6.74 -14.72 9.60
C THR A 112 7.09 -16.10 9.03
N CYS A 113 6.78 -16.30 7.74
CA CYS A 113 7.10 -17.56 7.07
C CYS A 113 8.30 -17.38 6.19
N VAL A 114 9.36 -18.18 6.40
CA VAL A 114 10.59 -17.99 5.61
C VAL A 114 11.00 -19.25 4.86
N THR A 115 11.74 -19.06 3.77
CA THR A 115 12.28 -20.16 2.97
C THR A 115 13.58 -20.59 3.67
N PRO A 116 13.74 -21.89 3.97
CA PRO A 116 14.95 -22.34 4.68
C PRO A 116 16.20 -22.29 3.82
N ILE A 117 17.37 -22.22 4.44
CA ILE A 117 18.64 -22.17 3.71
C ILE A 117 19.04 -23.62 3.41
N VAL A 118 19.06 -23.96 2.12
CA VAL A 118 19.36 -25.35 1.77
C VAL A 118 20.63 -25.41 0.96
N HIS A 119 21.52 -26.36 1.33
CA HIS A 119 22.74 -26.63 0.59
C HIS A 119 22.56 -27.96 -0.17
N HIS A 120 22.83 -27.94 -1.49
CA HIS A 120 22.65 -29.10 -2.37
C HIS A 120 23.97 -29.78 -2.63
N VAL A 121 23.92 -31.10 -2.92
CA VAL A 121 25.11 -31.93 -3.19
C VAL A 121 24.89 -32.87 -4.37
N PRO B 9 -2.07 9.00 36.39
CA PRO B 9 -1.82 10.42 36.71
C PRO B 9 -1.43 11.25 35.49
N ARG B 10 -1.88 12.52 35.45
CA ARG B 10 -1.66 13.51 34.37
C ARG B 10 -0.17 13.74 34.12
N THR B 11 0.58 13.86 35.21
CA THR B 11 2.02 14.08 35.23
C THR B 11 2.66 13.10 36.22
N VAL B 12 3.75 12.47 35.80
CA VAL B 12 4.45 11.47 36.60
C VAL B 12 5.97 11.75 36.73
N MET B 13 6.60 11.00 37.65
CA MET B 13 8.03 11.06 37.94
C MET B 13 8.72 9.89 37.32
N VAL B 14 9.55 10.12 36.32
CA VAL B 14 10.23 9.02 35.63
C VAL B 14 11.73 9.07 35.79
N ASN B 15 12.31 8.01 36.35
CA ASN B 15 13.76 7.86 36.52
C ASN B 15 14.31 7.28 35.21
N LEU B 16 15.09 8.09 34.46
CA LEU B 16 15.60 7.72 33.14
C LEU B 16 16.91 6.89 33.17
N ASN B 17 17.25 6.32 34.37
CA ASN B 17 18.38 5.40 34.52
C ASN B 17 17.80 4.06 34.02
N ILE B 18 17.68 3.92 32.67
CA ILE B 18 17.04 2.77 32.05
C ILE B 18 17.51 1.45 32.60
N HIS B 19 16.58 0.71 33.21
CA HIS B 19 16.87 -0.62 33.71
C HIS B 19 16.70 -1.58 32.54
N ASN B 20 17.77 -2.34 32.24
CA ASN B 20 17.72 -3.29 31.15
C ASN B 20 17.30 -4.65 31.64
N ARG B 21 16.11 -5.08 31.21
CA ARG B 21 15.56 -6.38 31.55
C ARG B 21 15.80 -7.39 30.42
N ASN B 22 16.24 -6.89 29.25
CA ASN B 22 16.57 -7.69 28.07
C ASN B 22 18.01 -8.25 28.18
N THR B 23 18.19 -9.29 29.01
CA THR B 23 19.49 -9.92 29.27
C THR B 23 19.49 -11.41 29.01
N ASN B 24 18.31 -12.07 29.09
CA ASN B 24 18.25 -13.50 28.82
C ASN B 24 18.29 -13.77 27.31
N THR B 25 19.52 -13.73 26.77
CA THR B 25 19.86 -13.99 25.36
C THR B 25 20.75 -15.26 25.28
N ASN B 26 20.89 -15.96 26.45
CA ASN B 26 21.68 -17.17 26.71
C ASN B 26 21.68 -18.19 25.51
N PRO B 27 20.55 -18.85 25.08
CA PRO B 27 20.62 -19.72 23.89
C PRO B 27 20.68 -18.84 22.65
N LYS B 28 21.44 -19.29 21.63
CA LYS B 28 21.63 -18.51 20.41
C LYS B 28 20.33 -18.42 19.54
N ARG B 29 20.15 -17.27 18.85
CA ARG B 29 18.96 -16.94 18.04
C ARG B 29 19.31 -15.91 16.92
N SER B 30 18.24 -15.30 16.33
CA SER B 30 18.15 -14.20 15.35
C SER B 30 18.88 -14.34 14.03
N SER B 31 18.19 -13.89 12.98
CA SER B 31 18.65 -13.82 11.59
C SER B 31 17.85 -12.69 10.90
N ASP B 32 18.25 -12.28 9.67
CA ASP B 32 17.52 -11.28 8.90
C ASP B 32 16.54 -12.01 7.89
N TYR B 33 15.21 -11.82 8.15
CA TYR B 33 14.06 -12.47 7.51
C TYR B 33 13.38 -11.68 6.40
N TYR B 34 13.57 -10.35 6.35
CA TYR B 34 12.93 -9.46 5.38
C TYR B 34 13.06 -9.91 3.94
N ASP B 35 14.14 -10.63 3.61
CA ASP B 35 14.27 -11.06 2.23
C ASP B 35 13.82 -12.49 2.01
N ARG B 36 13.96 -13.33 3.03
CA ARG B 36 13.60 -14.75 3.01
C ARG B 36 12.10 -15.04 3.26
N SER B 37 11.35 -14.05 3.80
CA SER B 37 9.93 -14.16 4.10
C SER B 37 9.08 -14.38 2.83
N THR B 38 7.86 -14.97 2.99
CA THR B 38 6.95 -15.14 1.85
C THR B 38 6.19 -13.82 1.69
N SER B 39 6.20 -13.00 2.75
CA SER B 39 5.70 -11.63 2.86
C SER B 39 6.96 -10.75 3.05
N PRO B 40 7.84 -10.60 2.01
CA PRO B 40 9.09 -9.84 2.22
C PRO B 40 8.88 -8.36 2.47
N TRP B 41 9.84 -7.72 3.13
CA TRP B 41 9.68 -6.30 3.38
C TRP B 41 10.96 -5.47 3.20
N ASN B 42 10.80 -4.16 3.31
CA ASN B 42 11.89 -3.23 3.23
C ASN B 42 11.98 -2.47 4.53
N LEU B 43 13.21 -2.08 4.90
CA LEU B 43 13.46 -1.35 6.12
C LEU B 43 13.49 0.13 5.92
N HIS B 44 12.83 0.84 6.81
CA HIS B 44 12.74 2.28 6.79
C HIS B 44 13.15 2.86 8.13
N ARG B 45 14.17 3.71 8.10
CA ARG B 45 14.69 4.38 9.30
C ARG B 45 13.75 5.52 9.68
N ASN B 46 13.28 5.52 10.92
CA ASN B 46 12.41 6.55 11.46
C ASN B 46 13.22 7.26 12.55
N GLU B 47 13.79 8.41 12.22
CA GLU B 47 14.57 9.17 13.19
C GLU B 47 13.83 10.42 13.66
N ASP B 48 14.00 10.76 14.94
CA ASP B 48 13.51 11.97 15.56
C ASP B 48 14.48 12.32 16.66
N PRO B 49 15.26 13.40 16.44
CA PRO B 49 16.27 13.80 17.42
C PRO B 49 15.68 14.12 18.77
N GLU B 50 14.38 14.51 18.79
CA GLU B 50 13.68 14.93 19.99
C GLU B 50 12.95 13.80 20.72
N ARG B 51 13.12 12.56 20.31
CA ARG B 51 12.49 11.51 21.08
C ARG B 51 13.38 10.35 21.34
N TYR B 52 13.15 9.68 22.46
CA TYR B 52 13.88 8.50 22.87
C TYR B 52 12.94 7.32 22.68
N PRO B 53 13.33 6.31 21.89
CA PRO B 53 14.59 6.20 21.13
C PRO B 53 14.61 7.09 19.90
N SER B 54 15.78 7.65 19.54
CA SER B 54 15.91 8.52 18.39
C SER B 54 15.55 7.82 17.07
N VAL B 55 16.20 6.69 16.77
CA VAL B 55 15.90 6.02 15.53
C VAL B 55 15.23 4.67 15.80
N ILE B 56 14.21 4.40 15.00
CA ILE B 56 13.40 3.19 15.05
C ILE B 56 13.34 2.67 13.60
N TRP B 57 13.68 1.39 13.38
CA TRP B 57 13.60 0.82 12.04
C TRP B 57 12.30 0.08 11.88
N GLU B 58 11.50 0.59 10.95
CA GLU B 58 10.20 0.03 10.61
C GLU B 58 10.27 -0.76 9.31
N ALA B 59 9.28 -1.61 9.06
CA ALA B 59 9.17 -2.43 7.86
C ALA B 59 8.00 -1.99 7.03
N LYS B 60 8.14 -2.01 5.73
CA LYS B 60 7.06 -1.71 4.80
C LYS B 60 7.01 -2.95 3.86
N CYS B 61 5.84 -3.65 3.75
CA CYS B 61 5.71 -4.86 2.90
C CYS B 61 6.08 -4.57 1.42
N ARG B 62 6.70 -5.53 0.76
CA ARG B 62 7.14 -5.29 -0.60
C ARG B 62 5.95 -5.36 -1.56
N HIS B 63 5.03 -6.33 -1.35
CA HIS B 63 3.90 -6.62 -2.23
C HIS B 63 2.57 -6.72 -1.52
N LEU B 64 1.47 -6.65 -2.28
CA LEU B 64 0.12 -6.82 -1.75
C LEU B 64 -0.10 -8.30 -1.56
N GLY B 65 0.47 -9.09 -2.48
CA GLY B 65 0.40 -10.54 -2.42
C GLY B 65 1.63 -11.12 -1.76
N CYS B 66 1.77 -12.46 -1.82
CA CYS B 66 2.91 -13.19 -1.25
C CYS B 66 3.71 -13.92 -2.33
N ILE B 67 5.00 -14.10 -2.07
CA ILE B 67 5.90 -14.79 -3.00
C ILE B 67 5.67 -16.29 -2.94
N ASN B 68 5.28 -16.88 -4.09
CA ASN B 68 5.06 -18.32 -4.18
C ASN B 68 6.40 -19.10 -4.27
N ALA B 69 6.30 -20.41 -4.52
CA ALA B 69 7.44 -21.30 -4.60
C ALA B 69 8.32 -20.89 -5.77
N ASP B 70 7.70 -20.66 -6.95
CA ASP B 70 8.38 -20.23 -8.19
C ASP B 70 9.02 -18.85 -8.04
N GLY B 71 8.69 -18.16 -6.94
CA GLY B 71 9.20 -16.84 -6.62
C GLY B 71 8.35 -15.68 -7.08
N ASN B 72 7.29 -15.94 -7.87
CA ASN B 72 6.39 -14.91 -8.38
C ASN B 72 5.34 -14.60 -7.32
N VAL B 73 4.71 -13.41 -7.39
CA VAL B 73 3.76 -12.97 -6.37
C VAL B 73 2.36 -13.54 -6.64
N ASP B 74 1.80 -14.19 -5.61
CA ASP B 74 0.49 -14.83 -5.53
C ASP B 74 -0.45 -13.81 -4.88
N TYR B 75 -1.47 -13.38 -5.61
CA TYR B 75 -2.40 -12.37 -5.10
C TYR B 75 -3.59 -12.94 -4.34
N HIS B 76 -3.71 -14.28 -4.32
CA HIS B 76 -4.74 -15.00 -3.60
C HIS B 76 -4.40 -15.03 -2.12
N MET B 77 -3.24 -14.45 -1.76
CA MET B 77 -2.70 -14.32 -0.42
C MET B 77 -2.36 -12.86 -0.17
N ASN B 78 -2.03 -12.47 1.09
CA ASN B 78 -1.73 -11.08 1.40
C ASN B 78 -0.60 -10.82 2.33
N SER B 79 0.37 -10.00 1.90
CA SER B 79 1.47 -9.54 2.75
C SER B 79 0.81 -8.46 3.57
N VAL B 80 0.86 -8.63 4.89
CA VAL B 80 0.30 -7.67 5.85
C VAL B 80 1.33 -7.31 6.91
N PRO B 81 1.35 -6.06 7.35
CA PRO B 81 2.35 -5.68 8.36
C PRO B 81 1.97 -6.17 9.75
N ILE B 82 2.96 -6.39 10.62
CA ILE B 82 2.78 -6.78 12.02
C ILE B 82 3.02 -5.48 12.77
N GLN B 83 1.94 -4.82 13.17
CA GLN B 83 2.07 -3.53 13.82
C GLN B 83 2.17 -3.68 15.31
N GLN B 84 2.78 -2.70 15.95
CA GLN B 84 2.99 -2.73 17.38
C GLN B 84 2.90 -1.33 17.90
N GLU B 85 2.02 -1.12 18.88
CA GLU B 85 1.81 0.15 19.57
C GLU B 85 2.94 0.24 20.62
N ILE B 86 3.79 1.26 20.52
CA ILE B 86 5.02 1.39 21.29
C ILE B 86 5.10 2.68 22.15
N LEU B 87 5.75 2.62 23.35
CA LEU B 87 5.99 3.81 24.18
C LEU B 87 7.22 4.58 23.72
N VAL B 88 7.10 5.91 23.67
CA VAL B 88 8.19 6.81 23.29
C VAL B 88 8.23 8.03 24.19
N LEU B 89 9.46 8.46 24.55
CA LEU B 89 9.63 9.64 25.38
C LEU B 89 10.00 10.77 24.45
N ARG B 90 9.19 11.80 24.43
CA ARG B 90 9.41 12.93 23.55
C ARG B 90 9.86 14.15 24.40
N ARG B 91 10.97 14.86 24.02
CA ARG B 91 11.39 16.03 24.81
C ARG B 91 10.75 17.28 24.25
N GLU B 92 10.14 18.03 25.16
CA GLU B 92 9.36 19.22 24.91
C GLU B 92 10.16 20.47 24.60
N PRO B 93 9.60 21.33 23.71
CA PRO B 93 10.20 22.61 23.32
C PRO B 93 11.65 23.01 23.78
N PRO B 94 12.08 23.88 24.76
CA PRO B 94 11.41 24.53 25.90
C PRO B 94 10.60 25.79 25.62
N HIS B 95 9.44 25.79 26.27
CA HIS B 95 8.25 26.64 26.32
C HIS B 95 7.17 25.58 26.44
N SER B 96 6.08 25.89 27.15
CA SER B 96 4.99 24.94 27.42
C SER B 96 5.48 23.68 28.23
N PRO B 97 5.67 23.83 29.58
CA PRO B 97 6.04 22.66 30.39
C PRO B 97 4.86 21.66 30.47
N ASN B 98 5.08 20.38 30.76
CA ASN B 98 6.30 19.68 31.19
C ASN B 98 7.47 19.67 30.19
N SER B 99 8.57 19.09 30.65
CA SER B 99 9.86 18.95 29.99
C SER B 99 9.86 17.76 29.00
N PHE B 100 9.09 16.71 29.32
CA PHE B 100 8.99 15.49 28.54
C PHE B 100 7.56 15.02 28.57
N ARG B 101 7.18 14.31 27.51
CA ARG B 101 5.88 13.71 27.30
C ARG B 101 6.10 12.24 27.03
N LEU B 102 5.16 11.40 27.43
CA LEU B 102 5.25 9.96 27.19
C LEU B 102 4.13 9.63 26.20
N GLU B 103 4.48 9.20 24.99
CA GLU B 103 3.55 8.95 23.90
C GLU B 103 3.52 7.52 23.41
N LYS B 104 2.36 7.09 22.90
CA LYS B 104 2.13 5.79 22.29
C LYS B 104 2.23 6.01 20.78
N ILE B 105 2.99 5.14 20.08
CA ILE B 105 3.18 5.29 18.65
C ILE B 105 2.95 3.94 17.87
N LEU B 106 2.27 3.98 16.68
CA LEU B 106 2.08 2.75 15.89
C LEU B 106 3.29 2.56 14.99
N VAL B 107 3.84 1.35 15.02
CA VAL B 107 5.05 0.98 14.32
C VAL B 107 4.89 -0.35 13.54
N SER B 108 5.45 -0.46 12.31
CA SER B 108 5.41 -1.72 11.57
C SER B 108 6.75 -2.37 11.75
N VAL B 109 6.74 -3.44 12.48
CA VAL B 109 7.84 -4.26 12.93
C VAL B 109 8.23 -5.42 11.97
N GLY B 110 7.38 -5.75 10.99
CA GLY B 110 7.63 -6.83 10.05
C GLY B 110 6.38 -7.16 9.25
N CYS B 111 6.42 -8.24 8.43
CA CYS B 111 5.26 -8.64 7.65
C CYS B 111 4.94 -10.11 7.77
N THR B 112 3.66 -10.44 7.62
CA THR B 112 3.16 -11.80 7.66
C THR B 112 2.25 -12.08 6.43
N CYS B 113 2.12 -13.36 6.02
CA CYS B 113 1.29 -13.67 4.86
C CYS B 113 -0.02 -14.25 5.32
N VAL B 114 -1.14 -13.60 5.02
CA VAL B 114 -2.42 -14.08 5.51
C VAL B 114 -3.39 -14.50 4.42
N THR B 115 -4.33 -15.39 4.77
CA THR B 115 -5.39 -15.83 3.87
C THR B 115 -6.51 -14.78 3.97
N PRO B 116 -6.99 -14.24 2.84
CA PRO B 116 -8.02 -13.19 2.93
C PRO B 116 -9.39 -13.77 3.23
N ILE B 117 -10.32 -12.96 3.75
CA ILE B 117 -11.64 -13.48 4.04
C ILE B 117 -12.51 -13.44 2.81
N LEU C 2 22.47 -7.89 21.89
CA LEU C 2 23.81 -7.44 21.58
C LEU C 2 24.71 -7.59 22.83
N ARG C 3 26.05 -7.64 22.64
CA ARG C 3 26.93 -7.78 23.79
C ARG C 3 28.30 -7.24 23.46
N LEU C 4 29.12 -7.05 24.50
CA LEU C 4 30.53 -6.69 24.38
C LEU C 4 31.24 -8.04 24.46
N LEU C 5 32.46 -8.23 23.90
CA LEU C 5 33.00 -9.60 23.96
C LEU C 5 33.57 -9.93 25.33
N ASP C 6 34.05 -8.92 26.06
CA ASP C 6 34.59 -9.11 27.40
C ASP C 6 34.18 -7.98 28.28
N HIS C 7 34.16 -8.25 29.60
CA HIS C 7 33.88 -7.22 30.58
C HIS C 7 35.17 -6.68 31.18
N ARG C 8 36.28 -6.88 30.43
CA ARG C 8 37.63 -6.44 30.75
C ARG C 8 37.70 -4.92 30.89
N ALA C 9 38.71 -4.43 31.63
CA ALA C 9 38.89 -2.99 31.83
C ALA C 9 39.09 -2.39 30.45
N LEU C 10 38.06 -1.68 29.97
CA LEU C 10 38.14 -1.07 28.65
C LEU C 10 38.87 0.28 28.72
N VAL C 11 39.73 0.52 27.71
CA VAL C 11 40.53 1.74 27.65
C VAL C 11 40.20 2.58 26.42
N CYS C 12 40.05 3.90 26.61
CA CYS C 12 39.81 4.80 25.49
C CYS C 12 40.90 5.87 25.41
N SER C 13 41.74 5.93 26.47
CA SER C 13 42.87 6.87 26.61
C SER C 13 43.92 6.66 25.53
N GLN C 14 44.65 7.75 25.23
CA GLN C 14 45.72 7.76 24.24
C GLN C 14 46.65 8.92 24.58
N PRO C 15 47.91 8.96 24.08
CA PRO C 15 48.77 10.11 24.38
C PRO C 15 48.08 11.43 24.03
N GLY C 16 48.06 12.32 25.02
CA GLY C 16 47.46 13.64 24.92
C GLY C 16 46.06 13.71 25.49
N LEU C 17 45.43 12.53 25.68
CA LEU C 17 44.05 12.42 26.16
C LEU C 17 43.81 11.35 27.22
N ASN C 18 43.20 11.77 28.33
CA ASN C 18 42.82 10.86 29.39
C ASN C 18 41.30 10.61 29.34
N CYS C 19 40.88 9.37 29.12
CA CYS C 19 39.47 8.99 29.18
C CYS C 19 39.26 7.55 29.57
N THR C 20 38.12 7.30 30.21
CA THR C 20 37.67 5.97 30.62
C THR C 20 36.39 5.69 29.85
N VAL C 21 36.19 4.42 29.47
CA VAL C 21 34.98 4.05 28.76
C VAL C 21 33.98 3.59 29.81
N LYS C 22 32.95 4.39 30.05
CA LYS C 22 31.89 4.08 31.02
C LYS C 22 30.73 3.48 30.21
N ASN C 23 29.86 2.67 30.82
CA ASN C 23 28.78 2.23 29.98
C ASN C 23 27.60 3.16 30.14
N SER C 24 26.75 3.21 29.10
CA SER C 24 25.58 4.07 29.13
C SER C 24 24.33 3.35 28.72
N THR C 25 23.22 3.85 29.27
CA THR C 25 21.82 3.65 28.92
C THR C 25 21.85 4.53 27.64
N CYS C 26 21.31 4.10 26.48
CA CYS C 26 21.48 4.99 25.33
C CYS C 26 20.81 6.39 25.45
N LEU C 27 20.12 6.65 26.59
CA LEU C 27 19.48 7.93 26.93
C LEU C 27 20.51 8.76 27.68
N ASP C 28 21.32 9.60 26.96
CA ASP C 28 22.37 10.46 27.56
C ASP C 28 21.83 11.63 28.41
N ASP C 29 22.63 12.05 29.46
CA ASP C 29 22.28 13.17 30.38
C ASP C 29 22.29 14.51 29.62
N SER C 30 23.04 14.62 28.53
CA SER C 30 23.04 15.86 27.74
C SER C 30 21.75 16.05 26.92
N TRP C 31 20.99 14.96 26.68
CA TRP C 31 19.70 15.02 25.98
C TRP C 31 18.61 15.43 27.01
N ILE C 32 18.71 14.90 28.26
CA ILE C 32 17.80 15.25 29.34
C ILE C 32 17.95 16.73 29.67
N HIS C 33 19.21 17.19 29.68
CA HIS C 33 19.59 18.54 30.05
C HIS C 33 20.51 19.12 29.02
N PRO C 34 19.94 19.78 27.97
CA PRO C 34 20.79 20.38 26.94
C PRO C 34 21.65 21.51 27.46
N ARG C 35 22.79 21.70 26.80
CA ARG C 35 23.77 22.77 27.06
C ARG C 35 23.91 23.58 25.78
N ASN C 36 24.10 24.91 25.94
CA ASN C 36 24.19 25.88 24.85
C ASN C 36 25.38 25.68 23.88
N LEU C 37 26.57 25.34 24.40
CA LEU C 37 27.77 25.13 23.57
C LEU C 37 28.05 23.65 23.27
N THR C 38 27.62 23.18 22.09
CA THR C 38 27.76 21.79 21.67
C THR C 38 28.94 21.52 20.71
N PRO C 39 29.64 20.35 20.80
CA PRO C 39 30.75 20.10 19.86
C PRO C 39 30.21 19.75 18.49
N SER C 40 31.09 19.85 17.49
CA SER C 40 30.78 19.51 16.11
C SER C 40 30.82 17.99 15.92
N SER C 41 30.24 17.57 14.83
CA SER C 41 30.11 16.20 14.37
C SER C 41 31.41 15.40 14.21
N PRO C 42 31.38 14.04 14.35
CA PRO C 42 32.60 13.26 14.02
C PRO C 42 32.77 13.30 12.52
N LYS C 43 33.87 12.73 12.05
CA LYS C 43 34.26 12.72 10.65
C LYS C 43 34.75 11.31 10.28
N ASP C 44 34.62 10.94 9.03
CA ASP C 44 35.14 9.69 8.47
C ASP C 44 34.88 8.45 9.32
N LEU C 45 33.62 8.25 9.74
CA LEU C 45 33.19 7.04 10.47
C LEU C 45 33.38 5.87 9.48
N GLN C 46 34.03 4.82 9.95
CA GLN C 46 34.28 3.61 9.19
C GLN C 46 34.07 2.42 10.14
N ILE C 47 33.33 1.39 9.70
CA ILE C 47 33.10 0.18 10.51
C ILE C 47 33.60 -1.01 9.72
N GLN C 48 34.60 -1.75 10.23
CA GLN C 48 35.11 -2.93 9.53
C GLN C 48 34.84 -4.23 10.28
N LEU C 49 34.80 -5.37 9.56
CA LEU C 49 34.58 -6.65 10.20
C LEU C 49 35.89 -7.23 10.71
N HIS C 50 35.99 -7.34 12.03
CA HIS C 50 37.16 -7.92 12.69
C HIS C 50 36.71 -9.21 13.39
N PHE C 51 37.68 -10.00 13.83
CA PHE C 51 37.42 -11.27 14.53
C PHE C 51 38.24 -11.26 15.75
N ALA C 52 37.69 -11.73 16.88
CA ALA C 52 38.40 -11.69 18.16
C ALA C 52 38.14 -12.91 19.02
N HIS C 53 39.00 -13.14 19.99
CA HIS C 53 38.88 -14.25 20.94
C HIS C 53 38.55 -13.76 22.34
N THR C 54 37.69 -14.51 23.03
CA THR C 54 37.34 -14.21 24.41
C THR C 54 38.47 -14.77 25.28
N GLN C 55 38.61 -14.20 26.49
CA GLN C 55 39.59 -14.58 27.52
C GLN C 55 39.58 -16.10 27.76
N GLN C 56 38.47 -16.77 27.39
CA GLN C 56 38.23 -18.22 27.49
C GLN C 56 38.87 -18.93 26.29
N GLY C 57 38.47 -18.57 25.07
CA GLY C 57 39.00 -19.20 23.86
C GLY C 57 38.18 -19.11 22.58
N ASP C 58 36.85 -19.02 22.69
CA ASP C 58 35.98 -18.94 21.51
C ASP C 58 36.18 -17.65 20.68
N LEU C 59 36.07 -17.75 19.34
CA LEU C 59 36.25 -16.65 18.39
C LEU C 59 34.91 -16.08 17.93
N PHE C 60 34.75 -14.74 18.00
CA PHE C 60 33.54 -14.01 17.65
C PHE C 60 33.73 -12.94 16.57
N PRO C 61 32.70 -12.71 15.73
CA PRO C 61 32.82 -11.63 14.75
C PRO C 61 32.50 -10.33 15.47
N VAL C 62 33.46 -9.41 15.45
CA VAL C 62 33.35 -8.14 16.14
C VAL C 62 33.27 -6.94 15.14
N ALA C 63 32.56 -5.86 15.51
CA ALA C 63 32.48 -4.63 14.72
C ALA C 63 33.63 -3.69 15.16
N HIS C 64 34.45 -3.25 14.19
CA HIS C 64 35.56 -2.34 14.45
C HIS C 64 35.20 -0.93 13.98
N ILE C 65 34.73 -0.08 14.93
CA ILE C 65 34.30 1.31 14.70
C ILE C 65 35.50 2.21 14.80
N GLU C 66 35.72 3.05 13.78
CA GLU C 66 36.79 4.04 13.81
C GLU C 66 36.38 5.34 13.20
N TRP C 67 36.65 6.44 13.89
CA TRP C 67 36.31 7.78 13.46
C TRP C 67 37.37 8.80 13.82
N THR C 68 37.30 9.96 13.18
CA THR C 68 38.17 11.09 13.46
C THR C 68 37.33 12.33 13.83
N LEU C 69 38.00 13.32 14.41
CA LEU C 69 37.44 14.59 14.85
C LEU C 69 37.59 15.64 13.76
N GLN C 70 36.67 16.63 13.72
CA GLN C 70 36.75 17.76 12.79
C GLN C 70 37.66 18.83 13.43
N THR C 71 38.39 19.54 12.57
CA THR C 71 39.40 20.57 12.80
C THR C 71 38.94 21.87 13.51
N ASP C 72 37.65 22.09 13.68
CA ASP C 72 37.14 23.30 14.35
C ASP C 72 37.38 23.39 15.86
N ALA C 73 37.33 24.64 16.37
CA ALA C 73 37.51 24.97 17.78
C ALA C 73 36.50 24.32 18.72
N SER C 74 35.37 23.77 18.18
CA SER C 74 34.36 23.11 19.02
C SER C 74 34.96 21.97 19.88
N ILE C 75 36.15 21.45 19.49
CA ILE C 75 36.91 20.44 20.21
C ILE C 75 36.99 20.74 21.70
N LEU C 76 37.20 22.02 22.04
CA LEU C 76 37.29 22.49 23.44
C LEU C 76 36.05 22.12 24.23
N TYR C 77 34.90 22.01 23.56
CA TYR C 77 33.63 21.75 24.20
C TYR C 77 33.19 20.29 24.06
N LEU C 78 34.04 19.46 23.41
CA LEU C 78 33.81 18.02 23.26
C LEU C 78 34.15 17.30 24.57
N GLU C 79 33.10 16.76 25.23
CA GLU C 79 33.19 16.07 26.51
C GLU C 79 33.40 14.55 26.41
N GLY C 80 33.02 13.95 25.29
CA GLY C 80 33.17 12.53 25.04
C GLY C 80 32.32 12.08 23.87
N ALA C 81 32.16 10.77 23.71
CA ALA C 81 31.36 10.25 22.60
C ALA C 81 30.53 9.05 23.00
N GLU C 82 29.33 8.95 22.46
CA GLU C 82 28.45 7.82 22.72
C GLU C 82 28.45 6.86 21.51
N LEU C 83 29.02 5.65 21.67
CA LEU C 83 29.09 4.61 20.65
C LEU C 83 27.88 3.69 20.82
N SER C 84 27.09 3.57 19.74
CA SER C 84 25.82 2.88 19.76
C SER C 84 25.65 1.86 18.63
N VAL C 85 25.23 0.62 18.98
CA VAL C 85 24.91 -0.42 18.00
C VAL C 85 23.43 -0.69 18.09
N LEU C 86 22.75 -0.68 16.92
CA LEU C 86 21.31 -0.93 16.80
C LEU C 86 21.08 -2.09 15.83
N GLN C 87 20.56 -3.22 16.31
CA GLN C 87 20.20 -4.32 15.41
C GLN C 87 18.89 -3.88 14.68
N LEU C 88 18.74 -4.12 13.37
CA LEU C 88 17.53 -3.56 12.78
C LEU C 88 16.30 -4.45 12.99
N ASN C 89 16.47 -5.80 12.92
CA ASN C 89 15.37 -6.78 13.06
C ASN C 89 14.59 -6.60 14.35
N THR C 90 15.24 -6.79 15.49
CA THR C 90 14.68 -6.44 16.80
C THR C 90 15.09 -4.96 16.90
N ASN C 91 14.43 -4.10 17.64
CA ASN C 91 15.08 -2.78 17.58
C ASN C 91 16.05 -2.59 18.77
N GLU C 92 16.90 -3.62 19.01
CA GLU C 92 17.85 -3.70 20.12
C GLU C 92 18.99 -2.74 19.95
N ARG C 93 19.29 -2.00 21.01
CA ARG C 93 20.31 -0.98 21.07
C ARG C 93 21.31 -1.31 22.20
N LEU C 94 22.61 -1.08 21.96
CA LEU C 94 23.65 -1.26 22.97
C LEU C 94 24.63 -0.08 22.92
N CYS C 95 24.94 0.51 24.10
CA CYS C 95 25.79 1.69 24.23
C CYS C 95 26.93 1.55 25.17
N VAL C 96 27.97 2.28 24.83
CA VAL C 96 29.19 2.45 25.60
C VAL C 96 29.53 3.91 25.42
N ARG C 97 30.03 4.55 26.45
CA ARG C 97 30.35 5.96 26.36
C ARG C 97 31.82 6.25 26.64
N PHE C 98 32.47 7.06 25.79
CA PHE C 98 33.84 7.53 26.03
C PHE C 98 33.70 8.83 26.86
N GLU C 99 34.31 8.89 28.05
CA GLU C 99 34.21 10.06 28.94
C GLU C 99 35.55 10.77 29.01
N PHE C 100 35.73 11.92 28.31
CA PHE C 100 37.00 12.65 28.34
C PHE C 100 37.23 13.34 29.67
N LEU C 101 38.20 12.81 30.41
CA LEU C 101 38.59 13.28 31.73
C LEU C 101 39.47 14.53 31.61
N SER C 102 40.17 14.69 30.46
CA SER C 102 41.01 15.85 30.15
C SER C 102 40.33 16.66 29.01
N LYS C 103 40.88 17.87 28.69
CA LYS C 103 40.34 18.71 27.62
C LYS C 103 41.26 18.76 26.42
N LEU C 104 40.68 18.58 25.22
CA LEU C 104 41.42 18.61 23.97
C LEU C 104 41.46 20.06 23.52
N ARG C 105 42.66 20.65 23.44
CA ARG C 105 42.82 22.07 23.10
C ARG C 105 43.30 22.29 21.66
N HIS C 106 44.42 21.70 21.28
CA HIS C 106 44.96 21.86 19.95
C HIS C 106 44.42 20.79 19.00
N HIS C 107 44.84 20.92 17.74
CA HIS C 107 44.54 20.01 16.67
C HIS C 107 45.85 19.63 15.97
N HIS C 108 47.01 20.03 16.56
CA HIS C 108 48.38 19.80 16.06
C HIS C 108 48.47 18.45 15.35
N ARG C 109 48.05 17.38 16.04
CA ARG C 109 47.95 16.07 15.42
C ARG C 109 46.53 15.58 15.53
N ARG C 110 45.93 15.23 14.36
CA ARG C 110 44.55 14.80 14.19
C ARG C 110 44.20 13.64 15.10
N TRP C 111 43.08 13.79 15.82
CA TRP C 111 42.60 12.82 16.79
C TRP C 111 41.79 11.73 16.13
N ARG C 112 42.22 10.48 16.31
CA ARG C 112 41.54 9.31 15.75
C ARG C 112 41.12 8.38 16.87
N PHE C 113 39.91 7.80 16.78
CA PHE C 113 39.38 6.87 17.77
C PHE C 113 38.95 5.55 17.18
N THR C 114 39.00 4.49 17.99
CA THR C 114 38.54 3.15 17.62
C THR C 114 37.82 2.49 18.81
N PHE C 115 36.94 1.52 18.51
CA PHE C 115 36.27 0.69 19.48
C PHE C 115 35.94 -0.61 18.79
N SER C 116 36.51 -1.70 19.29
CA SER C 116 36.38 -3.03 18.68
C SER C 116 35.79 -4.11 19.64
N HIS C 117 34.87 -3.71 20.54
CA HIS C 117 34.28 -4.65 21.51
C HIS C 117 32.85 -5.05 21.26
N PHE C 118 32.21 -4.44 20.26
CA PHE C 118 30.84 -4.77 19.95
C PHE C 118 30.75 -6.08 19.19
N VAL C 119 30.24 -7.12 19.86
CA VAL C 119 30.04 -8.45 19.24
C VAL C 119 28.81 -8.32 18.35
N VAL C 120 28.98 -8.80 17.15
CA VAL C 120 28.05 -8.76 16.07
C VAL C 120 27.76 -10.23 15.59
N ASP C 121 26.56 -10.49 15.04
CA ASP C 121 26.16 -11.84 14.62
C ASP C 121 26.20 -12.05 13.09
N PRO C 122 26.36 -13.31 12.56
CA PRO C 122 26.38 -13.49 11.10
C PRO C 122 25.02 -13.25 10.50
N ASP C 123 25.02 -12.81 9.21
CA ASP C 123 23.87 -12.49 8.36
C ASP C 123 22.91 -11.56 9.07
N GLN C 124 23.47 -10.45 9.54
CA GLN C 124 22.75 -9.44 10.32
C GLN C 124 23.08 -8.04 9.90
N GLU C 125 22.12 -7.10 10.05
CA GLU C 125 22.38 -5.72 9.69
C GLU C 125 22.16 -4.86 10.87
N TYR C 126 23.15 -4.03 11.14
CA TYR C 126 23.16 -3.14 12.28
C TYR C 126 23.27 -1.70 11.84
N GLU C 127 23.03 -0.76 12.78
CA GLU C 127 23.22 0.65 12.52
C GLU C 127 24.12 1.18 13.61
N VAL C 128 25.40 1.32 13.27
CA VAL C 128 26.36 1.77 14.27
C VAL C 128 26.56 3.25 14.13
N THR C 129 26.56 3.92 15.28
CA THR C 129 26.64 5.36 15.32
C THR C 129 27.49 5.85 16.48
N VAL C 130 28.27 6.91 16.21
CA VAL C 130 29.10 7.61 17.19
C VAL C 130 28.52 9.02 17.30
N HIS C 131 28.12 9.37 18.55
CA HIS C 131 27.45 10.61 18.87
C HIS C 131 28.30 11.46 19.78
N HIS C 132 28.82 12.58 19.26
CA HIS C 132 29.64 13.49 20.07
C HIS C 132 28.81 14.11 21.16
N LEU C 133 29.43 14.23 22.35
CA LEU C 133 28.81 14.69 23.59
C LEU C 133 29.41 15.97 24.10
N PRO C 134 28.58 16.95 24.51
CA PRO C 134 27.11 16.94 24.60
C PRO C 134 26.38 16.77 23.29
N LYS C 135 25.21 16.14 23.32
CA LYS C 135 24.36 15.98 22.13
C LYS C 135 23.80 17.39 21.79
N PRO C 136 23.24 17.66 20.59
CA PRO C 136 22.78 19.03 20.30
C PRO C 136 21.58 19.52 21.08
N ILE C 137 21.38 20.86 21.03
CA ILE C 137 20.24 21.54 21.65
C ILE C 137 18.99 21.19 20.81
N PRO C 138 17.74 21.48 21.25
CA PRO C 138 16.58 21.14 20.40
C PRO C 138 16.63 21.96 19.09
N ASP C 139 16.44 21.26 17.97
CA ASP C 139 16.47 21.80 16.59
C ASP C 139 17.88 22.26 16.16
N GLY C 140 18.90 21.82 16.90
CA GLY C 140 20.28 22.10 16.58
C GLY C 140 20.83 21.16 15.53
N ASP C 141 21.98 21.52 14.95
CA ASP C 141 22.67 20.72 13.92
C ASP C 141 23.19 19.39 14.50
N PRO C 142 23.13 18.30 13.71
CA PRO C 142 23.33 16.93 14.21
C PRO C 142 24.51 16.49 15.10
N ASN C 143 25.76 16.85 14.82
CA ASN C 143 26.91 16.45 15.69
C ASN C 143 27.10 14.89 15.92
N HIS C 144 26.54 14.05 15.05
CA HIS C 144 26.77 12.61 15.10
C HIS C 144 26.93 12.05 13.69
N GLN C 145 27.38 10.79 13.59
CA GLN C 145 27.57 10.06 12.32
C GLN C 145 27.17 8.60 12.51
N SER C 146 26.32 8.11 11.60
CA SER C 146 25.80 6.75 11.61
C SER C 146 26.17 6.11 10.29
N LYS C 147 26.37 4.78 10.30
CA LYS C 147 26.63 3.94 9.12
C LYS C 147 26.01 2.57 9.36
N ASN C 148 25.49 1.95 8.33
CA ASN C 148 24.90 0.62 8.53
C ASN C 148 25.99 -0.39 8.33
N PHE C 149 26.01 -1.41 9.17
CA PHE C 149 27.00 -2.47 9.08
C PHE C 149 26.28 -3.74 8.65
N LEU C 150 26.78 -4.40 7.63
CA LEU C 150 26.15 -5.62 7.16
C LEU C 150 27.11 -6.80 7.31
N VAL C 151 26.84 -7.68 8.28
CA VAL C 151 27.66 -8.84 8.56
C VAL C 151 27.35 -10.03 7.62
N PRO C 152 28.38 -10.68 7.02
CA PRO C 152 28.11 -11.81 6.11
C PRO C 152 27.58 -13.07 6.82
N ASP C 153 27.01 -14.00 6.03
CA ASP C 153 26.46 -15.27 6.53
C ASP C 153 27.59 -16.25 6.82
N CYS C 154 27.26 -17.42 7.38
CA CYS C 154 28.25 -18.44 7.74
C CYS C 154 28.98 -19.05 6.55
N GLU C 155 28.59 -18.71 5.29
CA GLU C 155 29.27 -19.22 4.10
C GLU C 155 30.63 -18.52 3.88
N HIS C 156 30.75 -17.27 4.42
CA HIS C 156 31.96 -16.44 4.39
C HIS C 156 33.14 -17.21 4.95
N ALA C 157 34.26 -17.16 4.21
CA ALA C 157 35.52 -17.83 4.49
C ALA C 157 35.94 -17.81 5.97
N ARG C 158 36.10 -16.60 6.55
CA ARG C 158 36.52 -16.37 7.92
C ARG C 158 35.40 -16.63 8.92
N MET C 159 34.18 -16.30 8.53
CA MET C 159 32.97 -16.44 9.33
C MET C 159 32.67 -17.87 9.78
N LYS C 160 32.77 -18.90 8.89
CA LYS C 160 32.42 -20.28 9.28
C LYS C 160 33.28 -20.86 10.43
N VAL C 161 34.45 -20.27 10.68
CA VAL C 161 35.36 -20.69 11.75
C VAL C 161 35.06 -19.93 13.05
N THR C 162 33.97 -19.13 13.07
CA THR C 162 33.57 -18.37 14.26
C THR C 162 32.63 -19.20 15.13
N THR C 163 32.64 -18.95 16.45
CA THR C 163 31.84 -19.63 17.48
C THR C 163 30.33 -19.70 17.14
N PRO C 164 29.62 -18.57 16.84
CA PRO C 164 28.19 -18.66 16.51
C PRO C 164 27.85 -19.52 15.29
N CYS C 165 28.75 -19.52 14.30
CA CYS C 165 28.62 -20.24 13.06
C CYS C 165 28.75 -21.73 13.28
N MET C 166 29.85 -22.11 13.94
CA MET C 166 30.16 -23.50 14.26
C MET C 166 29.03 -24.14 15.04
N SER C 167 28.52 -23.42 16.07
CA SER C 167 27.45 -23.89 16.94
C SER C 167 26.11 -24.14 16.19
N SER C 168 25.97 -23.52 15.00
CA SER C 168 24.82 -23.71 14.13
C SER C 168 25.22 -24.68 12.98
N GLY C 169 26.29 -25.45 13.23
CA GLY C 169 26.83 -26.50 12.36
C GLY C 169 27.44 -26.08 11.04
N SER C 170 28.21 -24.96 11.02
CA SER C 170 28.86 -24.47 9.79
C SER C 170 29.95 -25.42 9.29
N LEU C 171 30.51 -26.21 10.22
CA LEU C 171 31.57 -27.16 9.94
C LEU C 171 31.08 -28.63 9.95
N TRP C 172 29.75 -28.82 9.99
CA TRP C 172 29.14 -30.14 9.99
C TRP C 172 29.01 -30.60 8.54
N ASP C 173 29.59 -31.77 8.23
CA ASP C 173 29.51 -32.36 6.91
C ASP C 173 28.78 -33.69 6.96
N PRO C 174 27.45 -33.70 6.71
CA PRO C 174 26.76 -34.99 6.67
C PRO C 174 27.08 -35.65 5.32
N ASP C 175 27.67 -36.84 5.32
CA ASP C 175 28.00 -37.45 4.04
C ASP C 175 26.74 -38.12 3.50
N ILE C 176 25.74 -37.29 3.14
CA ILE C 176 24.44 -37.74 2.65
C ILE C 176 24.60 -38.65 1.45
N THR C 177 24.07 -39.88 1.57
CA THR C 177 24.09 -40.89 0.53
C THR C 177 22.70 -41.51 0.37
N VAL C 178 21.97 -41.06 -0.66
CA VAL C 178 20.66 -41.59 -0.98
C VAL C 178 20.89 -42.79 -1.92
N GLU C 179 20.51 -44.01 -1.48
CA GLU C 179 20.69 -45.27 -2.22
C GLU C 179 19.36 -45.90 -2.67
N THR C 180 19.23 -46.14 -3.99
CA THR C 180 18.03 -46.75 -4.53
C THR C 180 18.15 -48.29 -4.38
N LEU C 181 17.18 -48.89 -3.66
CA LEU C 181 17.16 -50.31 -3.32
C LEU C 181 16.02 -51.10 -3.95
N GLU C 182 16.05 -52.44 -3.73
CA GLU C 182 15.09 -53.41 -4.23
C GLU C 182 13.69 -53.21 -3.67
N ALA C 183 12.68 -53.32 -4.56
CA ALA C 183 11.23 -53.21 -4.31
C ALA C 183 10.81 -51.92 -3.55
N HIS C 184 10.60 -50.83 -4.32
CA HIS C 184 10.14 -49.48 -3.93
C HIS C 184 10.68 -48.98 -2.57
N GLN C 185 11.99 -49.16 -2.35
CA GLN C 185 12.64 -48.75 -1.11
C GLN C 185 13.86 -47.87 -1.35
N LEU C 186 14.03 -46.86 -0.50
CA LEU C 186 15.14 -45.91 -0.53
C LEU C 186 15.84 -45.92 0.81
N ARG C 187 17.17 -46.10 0.81
CA ARG C 187 17.97 -46.05 2.04
C ARG C 187 18.76 -44.75 2.04
N VAL C 188 18.55 -43.92 3.06
CA VAL C 188 19.24 -42.66 3.18
C VAL C 188 20.11 -42.62 4.44
N SER C 189 21.41 -42.47 4.22
CA SER C 189 22.43 -42.43 5.26
C SER C 189 23.07 -41.04 5.32
N PHE C 190 23.46 -40.62 6.53
CA PHE C 190 24.13 -39.35 6.82
C PHE C 190 24.85 -39.44 8.16
N THR C 191 25.90 -38.66 8.35
CA THR C 191 26.63 -38.69 9.62
C THR C 191 26.19 -37.49 10.47
N LEU C 192 25.62 -37.77 11.66
CA LEU C 192 25.10 -36.72 12.54
C LEU C 192 26.19 -35.97 13.36
N TRP C 193 25.85 -34.76 13.83
CA TRP C 193 26.71 -33.80 14.55
C TRP C 193 26.80 -34.05 16.06
N ASN C 194 27.67 -33.30 16.76
CA ASN C 194 27.91 -33.41 18.21
C ASN C 194 27.00 -32.51 19.07
N GLU C 195 25.68 -32.70 18.93
CA GLU C 195 24.66 -31.99 19.69
C GLU C 195 23.46 -32.92 19.94
N SER C 196 22.91 -32.86 21.17
CA SER C 196 21.77 -33.69 21.59
C SER C 196 20.41 -33.07 21.22
N THR C 197 20.25 -32.66 19.93
CA THR C 197 19.02 -32.08 19.39
C THR C 197 18.48 -32.99 18.28
N HIS C 198 17.15 -33.04 18.10
CA HIS C 198 16.57 -33.92 17.10
C HIS C 198 16.87 -33.49 15.64
N TYR C 199 16.55 -34.40 14.68
CA TYR C 199 16.72 -34.21 13.23
C TYR C 199 15.44 -34.63 12.50
N GLN C 200 15.33 -34.28 11.21
CA GLN C 200 14.20 -34.66 10.37
C GLN C 200 14.69 -35.04 8.97
N ILE C 201 13.92 -35.87 8.26
CA ILE C 201 14.20 -36.31 6.89
C ILE C 201 12.96 -35.97 6.05
N LEU C 202 13.11 -35.17 4.99
CA LEU C 202 11.98 -34.86 4.13
C LEU C 202 12.24 -35.45 2.78
N LEU C 203 11.42 -36.42 2.42
CA LEU C 203 11.49 -37.06 1.13
C LEU C 203 10.32 -36.57 0.28
N THR C 204 10.64 -36.04 -0.90
CA THR C 204 9.63 -35.51 -1.80
C THR C 204 9.92 -36.08 -3.17
N SER C 205 8.95 -36.79 -3.73
CA SER C 205 9.09 -37.42 -5.01
C SER C 205 8.37 -36.63 -6.09
N PHE C 206 8.98 -36.57 -7.25
CA PHE C 206 8.47 -35.83 -8.38
C PHE C 206 8.55 -36.64 -9.65
N PRO C 207 7.78 -36.29 -10.69
CA PRO C 207 8.00 -36.94 -11.98
C PRO C 207 9.27 -36.37 -12.62
N HIS C 208 9.83 -37.06 -13.58
CA HIS C 208 11.02 -36.54 -14.29
C HIS C 208 10.61 -35.27 -15.05
N MET C 209 11.28 -34.13 -14.74
CA MET C 209 11.04 -32.79 -15.32
C MET C 209 9.62 -32.25 -15.07
N GLU C 210 9.21 -32.19 -13.79
CA GLU C 210 7.92 -31.65 -13.33
C GLU C 210 8.07 -31.32 -11.85
N ASN C 211 7.76 -30.08 -11.46
CA ASN C 211 7.94 -29.62 -10.06
C ASN C 211 6.67 -29.82 -9.18
N HIS C 212 6.00 -30.96 -9.36
CA HIS C 212 4.82 -31.32 -8.58
C HIS C 212 5.04 -32.58 -7.77
N SER C 213 4.81 -32.50 -6.48
CA SER C 213 5.03 -33.62 -5.59
C SER C 213 3.96 -34.68 -5.75
N CYS C 214 4.39 -35.89 -6.14
CA CYS C 214 3.51 -37.05 -6.26
C CYS C 214 3.52 -37.87 -4.96
N PHE C 215 4.55 -37.68 -4.13
CA PHE C 215 4.70 -38.32 -2.83
C PHE C 215 5.58 -37.50 -1.89
N GLU C 216 5.18 -37.40 -0.62
CA GLU C 216 5.93 -36.69 0.39
C GLU C 216 5.85 -37.39 1.73
N HIS C 217 6.99 -37.45 2.44
CA HIS C 217 7.08 -38.10 3.73
C HIS C 217 8.08 -37.42 4.62
N MET C 218 7.71 -37.23 5.89
CA MET C 218 8.54 -36.63 6.90
C MET C 218 8.87 -37.69 7.92
N HIS C 219 10.17 -37.95 8.12
CA HIS C 219 10.67 -38.93 9.08
C HIS C 219 11.45 -38.27 10.23
N HIS C 220 11.19 -38.71 11.48
CA HIS C 220 11.82 -38.17 12.69
C HIS C 220 13.04 -38.95 13.17
N ILE C 221 14.06 -38.23 13.63
CA ILE C 221 15.29 -38.77 14.20
C ILE C 221 15.40 -38.12 15.60
N PRO C 222 15.13 -38.87 16.70
CA PRO C 222 15.18 -38.26 18.04
C PRO C 222 16.58 -37.86 18.42
N ALA C 223 16.70 -36.88 19.33
CA ALA C 223 17.95 -36.32 19.81
C ALA C 223 18.95 -37.44 20.20
N PRO C 224 20.22 -37.40 19.71
CA PRO C 224 21.16 -38.48 20.02
C PRO C 224 21.95 -38.32 21.34
N ARG C 225 22.40 -39.48 21.88
CA ARG C 225 23.23 -39.60 23.10
C ARG C 225 24.63 -39.02 22.81
N PRO C 226 25.42 -38.57 23.82
CA PRO C 226 26.76 -38.03 23.51
C PRO C 226 27.73 -39.02 22.87
N GLU C 227 27.53 -40.33 23.13
CA GLU C 227 28.34 -41.40 22.55
C GLU C 227 27.99 -41.60 21.06
N GLU C 228 26.70 -41.39 20.70
CA GLU C 228 26.16 -41.52 19.33
C GLU C 228 26.62 -40.40 18.39
N PHE C 229 27.24 -39.31 18.94
CA PHE C 229 27.74 -38.15 18.18
C PHE C 229 28.78 -38.58 17.15
N HIS C 230 28.77 -37.92 15.98
CA HIS C 230 29.65 -38.16 14.84
C HIS C 230 29.46 -39.56 14.19
N GLN C 231 28.59 -40.42 14.77
CA GLN C 231 28.29 -41.75 14.22
C GLN C 231 27.18 -41.65 13.15
N ARG C 232 27.07 -42.67 12.28
CA ARG C 232 26.10 -42.69 11.18
C ARG C 232 24.76 -43.25 11.55
N SER C 233 23.70 -42.59 11.04
CA SER C 233 22.32 -43.02 11.23
C SER C 233 21.62 -43.12 9.88
N ASP C 234 21.58 -44.35 9.37
CA ASP C 234 20.94 -44.67 8.11
C ASP C 234 19.51 -45.11 8.41
N VAL C 235 18.55 -44.69 7.55
CA VAL C 235 17.12 -45.02 7.67
C VAL C 235 16.63 -45.44 6.29
N THR C 236 15.88 -46.55 6.25
CA THR C 236 15.29 -47.07 5.03
C THR C 236 13.80 -46.70 4.99
N LEU C 237 13.41 -45.89 4.00
CA LEU C 237 12.03 -45.40 3.81
C LEU C 237 11.45 -45.99 2.54
N THR C 238 10.15 -46.36 2.56
CA THR C 238 9.53 -46.92 1.35
C THR C 238 8.74 -45.84 0.60
N LEU C 239 8.97 -45.79 -0.73
CA LEU C 239 8.37 -44.85 -1.67
C LEU C 239 6.92 -45.24 -1.97
N ARG C 240 6.23 -44.37 -2.72
CA ARG C 240 4.87 -44.63 -3.18
C ARG C 240 4.99 -45.51 -4.43
N ASN C 241 4.01 -46.40 -4.66
CA ASN C 241 4.02 -47.22 -5.87
C ASN C 241 3.50 -46.36 -7.05
N LEU C 242 4.38 -45.91 -7.99
CA LEU C 242 3.99 -45.09 -9.14
C LEU C 242 5.04 -45.03 -10.21
N LYS C 243 4.86 -45.77 -11.31
CA LYS C 243 5.78 -45.72 -12.45
C LYS C 243 5.68 -44.32 -13.05
N GLY C 244 6.66 -43.48 -12.70
CA GLY C 244 6.70 -42.09 -13.14
C GLY C 244 7.21 -41.17 -12.07
N CYS C 245 6.83 -41.47 -10.80
CA CYS C 245 7.20 -40.79 -9.56
C CYS C 245 8.56 -41.33 -9.11
N CYS C 246 9.61 -40.95 -9.86
CA CYS C 246 10.98 -41.46 -9.75
C CYS C 246 12.02 -40.46 -9.22
N ARG C 247 11.85 -39.15 -9.45
CA ARG C 247 12.81 -38.14 -9.00
C ARG C 247 12.67 -37.93 -7.48
N HIS C 248 13.69 -38.36 -6.68
CA HIS C 248 13.64 -38.24 -5.22
C HIS C 248 14.52 -37.17 -4.69
N GLN C 249 13.93 -36.30 -3.92
CA GLN C 249 14.61 -35.18 -3.30
C GLN C 249 14.53 -35.44 -1.81
N VAL C 250 15.66 -35.70 -1.17
CA VAL C 250 15.73 -35.98 0.26
C VAL C 250 16.56 -34.92 0.99
N GLN C 251 16.01 -34.34 2.08
CA GLN C 251 16.74 -33.32 2.82
C GLN C 251 16.72 -33.54 4.32
N ILE C 252 17.84 -33.22 4.98
CA ILE C 252 18.04 -33.39 6.41
C ILE C 252 17.93 -32.06 7.13
N GLN C 253 17.07 -32.00 8.17
CA GLN C 253 16.88 -30.79 8.94
C GLN C 253 17.38 -30.91 10.37
N PRO C 254 18.48 -30.21 10.72
CA PRO C 254 18.94 -30.25 12.12
C PRO C 254 18.17 -29.25 12.98
N PHE C 255 18.15 -29.48 14.31
CA PHE C 255 17.44 -28.60 15.23
C PHE C 255 18.33 -28.12 16.38
N PHE C 256 19.55 -27.67 16.02
CA PHE C 256 20.59 -27.17 16.92
C PHE C 256 20.06 -25.96 17.64
N SER C 257 20.27 -25.92 18.97
CA SER C 257 19.84 -24.86 19.88
C SER C 257 20.05 -23.47 19.28
N SER C 258 21.22 -23.25 18.65
CA SER C 258 21.66 -22.04 17.98
C SER C 258 20.68 -21.56 16.89
N CYS C 259 19.98 -22.48 16.20
CA CYS C 259 19.09 -22.09 15.11
C CYS C 259 17.66 -22.65 15.21
N LEU C 260 17.43 -23.76 15.95
CA LEU C 260 16.13 -24.43 16.12
C LEU C 260 15.49 -24.89 14.77
N ASN C 261 14.34 -24.33 14.36
CA ASN C 261 13.73 -24.76 13.10
C ASN C 261 14.43 -24.14 11.92
N ASP C 262 15.01 -22.96 12.15
CA ASP C 262 15.68 -22.21 11.11
C ASP C 262 17.16 -22.58 10.87
N CYS C 263 17.53 -23.86 11.05
CA CYS C 263 18.90 -24.29 10.74
C CYS C 263 19.06 -24.46 9.23
N LEU C 264 20.32 -24.57 8.76
CA LEU C 264 20.56 -24.79 7.34
C LEU C 264 20.29 -26.26 7.08
N ARG C 265 19.45 -26.52 6.07
CA ARG C 265 19.09 -27.88 5.67
C ARG C 265 20.09 -28.36 4.60
N HIS C 266 20.12 -29.68 4.34
CA HIS C 266 21.01 -30.28 3.35
C HIS C 266 20.21 -31.18 2.44
N SER C 267 20.13 -30.84 1.13
CA SER C 267 19.39 -31.63 0.15
C SER C 267 20.29 -32.53 -0.68
N ALA C 268 19.69 -33.62 -1.20
CA ALA C 268 20.30 -34.64 -2.06
C ALA C 268 19.23 -35.15 -3.01
N THR C 269 19.58 -35.34 -4.28
CA THR C 269 18.60 -35.84 -5.25
C THR C 269 19.05 -37.07 -5.98
N VAL C 270 18.09 -37.98 -6.16
CA VAL C 270 18.15 -39.26 -6.86
C VAL C 270 17.47 -39.04 -8.24
N SER C 271 18.06 -39.59 -9.30
CA SER C 271 17.58 -39.46 -10.68
C SER C 271 16.50 -40.52 -11.10
N CYS C 272 16.42 -40.90 -12.42
CA CYS C 272 15.35 -41.80 -12.87
C CYS C 272 15.80 -42.99 -13.81
N PRO C 273 16.09 -42.82 -15.14
CA PRO C 273 16.41 -43.98 -15.99
C PRO C 273 17.91 -44.18 -16.25
N ARG D 10 -27.62 -4.93 -38.18
CA ARG D 10 -28.42 -6.14 -38.48
C ARG D 10 -29.00 -6.84 -37.24
N THR D 11 -29.98 -7.75 -37.47
CA THR D 11 -30.56 -8.59 -36.41
C THR D 11 -30.01 -10.02 -36.66
N VAL D 12 -29.17 -10.52 -35.72
CA VAL D 12 -28.48 -11.79 -35.85
C VAL D 12 -28.97 -12.91 -34.87
N MET D 13 -28.37 -14.11 -34.99
CA MET D 13 -28.63 -15.29 -34.21
C MET D 13 -27.55 -15.45 -33.17
N VAL D 14 -27.93 -15.31 -31.91
CA VAL D 14 -27.00 -15.39 -30.78
C VAL D 14 -27.22 -16.60 -29.92
N ASN D 15 -26.15 -17.39 -29.75
CA ASN D 15 -26.10 -18.61 -28.94
C ASN D 15 -25.61 -18.31 -27.49
N LEU D 16 -26.11 -19.08 -26.51
CA LEU D 16 -25.78 -19.07 -25.07
C LEU D 16 -25.24 -20.49 -24.72
N ASN D 17 -24.19 -20.58 -23.87
CA ASN D 17 -23.59 -21.87 -23.47
C ASN D 17 -24.44 -22.66 -22.44
N ILE D 18 -24.34 -24.01 -22.45
CA ILE D 18 -25.09 -24.97 -21.60
C ILE D 18 -25.10 -24.64 -20.07
N HIS D 19 -24.03 -23.96 -19.54
CA HIS D 19 -23.84 -23.59 -18.11
C HIS D 19 -23.60 -24.79 -17.21
N ASP D 32 -23.28 -7.97 2.06
CA ASP D 32 -21.87 -7.89 2.42
C ASP D 32 -21.35 -6.45 2.38
N TYR D 33 -20.64 -6.03 1.30
CA TYR D 33 -20.00 -4.72 1.20
C TYR D 33 -20.93 -3.50 1.37
N TYR D 34 -22.09 -3.49 0.68
CA TYR D 34 -23.04 -2.39 0.74
C TYR D 34 -23.34 -1.93 2.20
N ASP D 35 -23.32 -2.85 3.20
CA ASP D 35 -23.61 -2.52 4.60
C ASP D 35 -22.35 -2.19 5.39
N ARG D 36 -21.23 -2.87 5.07
CA ARG D 36 -19.97 -2.76 5.79
C ARG D 36 -19.09 -1.60 5.38
N SER D 37 -19.32 -1.00 4.18
CA SER D 37 -18.54 0.12 3.68
C SER D 37 -18.64 1.41 4.52
N THR D 38 -17.59 2.26 4.43
CA THR D 38 -17.51 3.60 5.04
C THR D 38 -18.47 4.51 4.26
N SER D 39 -18.74 4.16 2.98
CA SER D 39 -19.70 4.84 2.10
C SER D 39 -20.81 3.81 1.82
N PRO D 40 -21.67 3.45 2.83
CA PRO D 40 -22.69 2.42 2.58
C PRO D 40 -23.74 2.89 1.60
N TRP D 41 -24.35 1.91 0.93
CA TRP D 41 -25.40 2.13 -0.04
C TRP D 41 -26.51 1.13 0.13
N ASN D 42 -27.72 1.58 -0.12
CA ASN D 42 -28.90 0.76 -0.09
C ASN D 42 -29.08 0.30 -1.49
N LEU D 43 -29.67 -0.88 -1.66
CA LEU D 43 -29.91 -1.41 -2.99
C LEU D 43 -31.38 -1.33 -3.29
N HIS D 44 -31.71 -0.99 -4.54
CA HIS D 44 -33.07 -0.86 -5.00
C HIS D 44 -33.34 -1.76 -6.18
N ARG D 45 -34.34 -2.62 -6.02
CA ARG D 45 -34.74 -3.59 -7.03
C ARG D 45 -35.51 -2.88 -8.14
N ASN D 46 -35.07 -3.08 -9.38
CA ASN D 46 -35.70 -2.55 -10.59
C ASN D 46 -36.13 -3.78 -11.39
N GLU D 47 -37.39 -4.23 -11.21
CA GLU D 47 -37.87 -5.42 -11.91
C GLU D 47 -38.61 -4.98 -13.17
N ASP D 48 -38.39 -5.73 -14.28
CA ASP D 48 -39.02 -5.47 -15.57
C ASP D 48 -39.08 -6.78 -16.37
N PRO D 49 -40.30 -7.38 -16.53
CA PRO D 49 -40.40 -8.68 -17.23
C PRO D 49 -40.15 -8.64 -18.73
N GLU D 50 -39.89 -7.44 -19.27
CA GLU D 50 -39.64 -7.24 -20.69
C GLU D 50 -38.17 -7.12 -21.03
N ARG D 51 -37.29 -6.92 -20.02
CA ARG D 51 -35.84 -6.83 -20.23
C ARG D 51 -35.09 -8.05 -19.67
N TYR D 52 -33.85 -8.26 -20.13
CA TYR D 52 -32.94 -9.29 -19.67
C TYR D 52 -31.59 -8.65 -19.33
N PRO D 53 -31.12 -8.79 -18.08
CA PRO D 53 -31.76 -9.48 -16.94
C PRO D 53 -32.95 -8.71 -16.42
N SER D 54 -34.07 -9.41 -16.17
CA SER D 54 -35.32 -8.80 -15.71
C SER D 54 -35.16 -8.06 -14.38
N VAL D 55 -34.41 -8.66 -13.46
CA VAL D 55 -34.18 -8.05 -12.16
C VAL D 55 -32.72 -7.53 -12.07
N ILE D 56 -32.60 -6.20 -12.13
CA ILE D 56 -31.31 -5.57 -11.99
C ILE D 56 -31.42 -4.58 -10.82
N TRP D 57 -30.40 -4.59 -9.98
CA TRP D 57 -30.34 -3.87 -8.71
C TRP D 57 -29.52 -2.58 -8.76
N GLU D 58 -30.16 -1.47 -8.44
CA GLU D 58 -29.52 -0.16 -8.46
C GLU D 58 -29.08 0.31 -7.06
N ALA D 59 -27.78 0.69 -6.95
CA ALA D 59 -27.18 1.18 -5.72
C ALA D 59 -27.62 2.62 -5.45
N LYS D 60 -27.73 2.99 -4.18
CA LYS D 60 -28.08 4.35 -3.79
C LYS D 60 -27.35 4.66 -2.50
N CYS D 61 -26.43 5.66 -2.50
CA CYS D 61 -25.59 6.04 -1.34
C CYS D 61 -26.45 6.36 -0.14
N ARG D 62 -26.23 5.66 0.98
CA ARG D 62 -27.00 5.83 2.22
C ARG D 62 -26.92 7.24 2.73
N HIS D 63 -25.70 7.75 2.98
CA HIS D 63 -25.46 9.08 3.52
C HIS D 63 -24.72 10.04 2.54
N LEU D 64 -24.63 11.33 2.93
CA LEU D 64 -23.91 12.36 2.16
C LEU D 64 -22.44 12.31 2.57
N GLY D 65 -22.18 12.04 3.85
CA GLY D 65 -20.84 11.87 4.38
C GLY D 65 -20.53 10.41 4.59
N CYS D 66 -19.29 10.09 4.98
CA CYS D 66 -18.84 8.71 5.22
C CYS D 66 -18.91 8.37 6.69
N ILE D 67 -18.98 7.08 7.04
CA ILE D 67 -18.96 6.61 8.43
C ILE D 67 -17.50 6.62 8.92
N ASN D 68 -17.28 7.06 10.16
CA ASN D 68 -15.92 7.09 10.73
C ASN D 68 -15.68 5.95 11.74
N ALA D 69 -14.50 5.95 12.39
CA ALA D 69 -14.06 4.96 13.38
C ALA D 69 -15.07 4.79 14.52
N ASP D 70 -15.66 5.89 14.98
CA ASP D 70 -16.66 5.89 16.06
C ASP D 70 -18.03 5.34 15.60
N GLY D 71 -18.19 5.14 14.30
CA GLY D 71 -19.43 4.64 13.75
C GLY D 71 -20.46 5.71 13.44
N ASN D 72 -20.03 6.97 13.29
CA ASN D 72 -20.93 8.07 12.96
C ASN D 72 -20.57 8.68 11.64
N VAL D 73 -21.51 9.38 11.03
CA VAL D 73 -21.30 10.05 9.75
C VAL D 73 -20.40 11.27 9.96
N ASP D 74 -19.28 11.28 9.20
CA ASP D 74 -18.23 12.30 9.10
C ASP D 74 -18.62 13.18 7.94
N TYR D 75 -18.94 14.45 8.22
CA TYR D 75 -19.34 15.37 7.18
C TYR D 75 -18.15 16.05 6.51
N HIS D 76 -16.92 15.66 6.90
CA HIS D 76 -15.68 16.13 6.29
C HIS D 76 -15.21 15.19 5.17
N MET D 77 -16.06 14.20 4.83
CA MET D 77 -15.84 13.20 3.78
C MET D 77 -17.11 13.09 2.93
N ASN D 78 -17.00 12.54 1.70
CA ASN D 78 -18.14 12.45 0.78
C ASN D 78 -18.45 11.03 0.28
N SER D 79 -19.66 10.50 0.61
CA SER D 79 -20.19 9.20 0.11
C SER D 79 -20.56 9.54 -1.34
N VAL D 80 -20.04 8.78 -2.34
CA VAL D 80 -20.22 9.12 -3.75
C VAL D 80 -20.40 7.88 -4.67
N PRO D 81 -21.27 7.93 -5.71
CA PRO D 81 -21.58 6.71 -6.48
C PRO D 81 -20.73 6.40 -7.67
N ILE D 82 -20.52 5.11 -7.86
CA ILE D 82 -19.78 4.58 -8.98
C ILE D 82 -20.79 3.98 -9.94
N GLN D 83 -20.93 4.65 -11.07
CA GLN D 83 -21.90 4.32 -12.11
C GLN D 83 -21.24 3.64 -13.31
N GLN D 84 -22.05 2.92 -14.15
CA GLN D 84 -21.58 2.18 -15.32
C GLN D 84 -22.63 2.08 -16.44
N GLU D 85 -22.18 2.15 -17.70
CA GLU D 85 -23.08 1.98 -18.84
C GLU D 85 -23.07 0.47 -19.09
N ILE D 86 -24.24 -0.17 -19.07
CA ILE D 86 -24.32 -1.63 -19.16
C ILE D 86 -25.28 -2.05 -20.30
N LEU D 87 -24.96 -3.20 -20.96
CA LEU D 87 -25.76 -3.74 -22.04
C LEU D 87 -26.84 -4.65 -21.48
N VAL D 88 -28.10 -4.48 -21.94
CA VAL D 88 -29.23 -5.34 -21.59
C VAL D 88 -29.94 -5.81 -22.88
N LEU D 89 -30.89 -6.75 -22.77
CA LEU D 89 -31.66 -7.25 -23.90
C LEU D 89 -33.12 -6.94 -23.65
N ARG D 90 -33.87 -6.53 -24.68
CA ARG D 90 -35.29 -6.27 -24.51
C ARG D 90 -36.09 -6.98 -25.57
N ARG D 91 -37.20 -7.60 -25.14
CA ARG D 91 -38.14 -8.33 -25.99
C ARG D 91 -38.72 -7.39 -27.04
N GLU D 92 -38.35 -7.65 -28.29
CA GLU D 92 -38.70 -6.90 -29.48
C GLU D 92 -38.96 -7.97 -30.57
N PRO D 93 -40.21 -8.34 -30.93
CA PRO D 93 -41.52 -7.81 -30.48
C PRO D 93 -41.75 -7.91 -28.97
N PRO D 94 -42.69 -7.12 -28.37
CA PRO D 94 -42.92 -7.24 -26.92
C PRO D 94 -43.51 -8.59 -26.57
N HIS D 95 -43.07 -9.11 -25.41
CA HIS D 95 -43.42 -10.40 -24.80
C HIS D 95 -43.02 -11.61 -25.68
N SER D 96 -41.95 -11.45 -26.50
CA SER D 96 -41.39 -12.50 -27.35
C SER D 96 -40.45 -13.35 -26.51
N PRO D 97 -40.52 -14.69 -26.56
CA PRO D 97 -39.60 -15.49 -25.73
C PRO D 97 -38.16 -15.62 -26.28
N ASN D 98 -38.02 -15.62 -27.63
CA ASN D 98 -36.80 -15.82 -28.41
C ASN D 98 -36.23 -14.58 -29.16
N SER D 99 -37.03 -13.52 -29.39
CA SER D 99 -36.53 -12.32 -30.06
C SER D 99 -36.23 -11.17 -29.10
N PHE D 100 -35.13 -10.46 -29.35
CA PHE D 100 -34.62 -9.37 -28.50
C PHE D 100 -33.96 -8.21 -29.28
N ARG D 101 -33.64 -7.14 -28.57
CA ARG D 101 -32.90 -5.99 -29.09
C ARG D 101 -32.01 -5.50 -27.95
N LEU D 102 -30.70 -5.31 -28.22
CA LEU D 102 -29.88 -4.88 -27.11
C LEU D 102 -29.93 -3.37 -26.94
N GLU D 103 -29.91 -2.96 -25.67
CA GLU D 103 -30.02 -1.61 -25.14
C GLU D 103 -28.85 -1.29 -24.22
N LYS D 104 -28.49 0.02 -24.17
CA LYS D 104 -27.48 0.62 -23.30
C LYS D 104 -28.23 1.25 -22.11
N ILE D 105 -27.73 1.12 -20.87
CA ILE D 105 -28.40 1.81 -19.77
C ILE D 105 -27.38 2.21 -18.67
N LEU D 106 -27.54 3.40 -18.04
CA LEU D 106 -26.66 3.83 -16.95
C LEU D 106 -27.18 3.31 -15.64
N VAL D 107 -26.29 2.69 -14.87
CA VAL D 107 -26.64 1.99 -13.63
C VAL D 107 -25.68 2.30 -12.48
N SER D 108 -26.21 2.45 -11.24
CA SER D 108 -25.41 2.67 -10.03
C SER D 108 -25.11 1.32 -9.44
N VAL D 109 -23.79 1.06 -9.26
CA VAL D 109 -23.22 -0.21 -8.82
C VAL D 109 -22.86 -0.27 -7.34
N GLY D 110 -22.30 0.82 -6.84
CA GLY D 110 -21.86 0.97 -5.46
C GLY D 110 -21.42 2.39 -5.18
N CYS D 111 -20.86 2.60 -3.98
CA CYS D 111 -20.36 3.89 -3.51
C CYS D 111 -18.96 3.82 -2.99
N THR D 112 -18.25 4.95 -3.09
CA THR D 112 -16.90 5.10 -2.59
C THR D 112 -16.81 6.35 -1.70
N CYS D 113 -15.79 6.40 -0.81
CA CYS D 113 -15.61 7.56 0.06
C CYS D 113 -14.49 8.44 -0.50
N VAL D 114 -14.76 9.73 -0.73
CA VAL D 114 -13.78 10.66 -1.28
C VAL D 114 -13.54 11.86 -0.39
N THR D 115 -12.30 12.37 -0.39
CA THR D 115 -11.91 13.56 0.35
C THR D 115 -12.45 14.74 -0.47
N PRO D 116 -13.12 15.72 0.15
CA PRO D 116 -13.68 16.84 -0.64
C PRO D 116 -12.60 17.83 -1.06
N ILE D 117 -12.85 18.57 -2.15
CA ILE D 117 -11.87 19.56 -2.64
C ILE D 117 -12.10 20.87 -1.91
N VAL D 118 -11.12 21.31 -1.11
CA VAL D 118 -11.26 22.54 -0.31
C VAL D 118 -10.27 23.64 -0.70
N HIS D 119 -10.76 24.87 -0.85
CA HIS D 119 -9.95 26.06 -1.10
C HIS D 119 -9.91 26.91 0.18
N HIS D 120 -8.69 27.26 0.63
CA HIS D 120 -8.44 28.01 1.87
C HIS D 120 -8.12 29.46 1.56
N VAL D 121 -8.35 30.36 2.55
CA VAL D 121 -8.08 31.80 2.44
C VAL D 121 -7.44 32.34 3.72
N PRO E 9 -33.91 -18.72 -23.64
CA PRO E 9 -33.55 -19.90 -24.44
C PRO E 9 -32.02 -20.17 -24.47
N ARG E 10 -31.57 -20.94 -25.48
CA ARG E 10 -30.17 -21.26 -25.70
C ARG E 10 -29.71 -20.59 -26.99
N THR E 11 -30.64 -20.47 -27.95
CA THR E 11 -30.44 -19.79 -29.23
C THR E 11 -31.52 -18.71 -29.34
N VAL E 12 -31.11 -17.42 -29.37
CA VAL E 12 -32.02 -16.28 -29.49
C VAL E 12 -31.70 -15.39 -30.71
N MET E 13 -32.65 -14.52 -31.04
CA MET E 13 -32.54 -13.57 -32.15
C MET E 13 -32.30 -12.21 -31.57
N VAL E 14 -31.11 -11.64 -31.80
CA VAL E 14 -30.80 -10.33 -31.24
C VAL E 14 -30.62 -9.27 -32.33
N ASN E 15 -31.39 -8.16 -32.21
CA ASN E 15 -31.30 -6.99 -33.09
C ASN E 15 -30.17 -6.12 -32.53
N LEU E 16 -29.05 -5.98 -33.28
CA LEU E 16 -27.87 -5.27 -32.79
C LEU E 16 -27.92 -3.74 -33.01
N ASN E 17 -29.12 -3.18 -33.31
CA ASN E 17 -29.33 -1.73 -33.43
C ASN E 17 -29.52 -1.22 -32.02
N ILE E 18 -28.42 -1.21 -31.24
CA ILE E 18 -28.40 -0.82 -29.84
C ILE E 18 -29.23 0.41 -29.57
N HIS E 19 -30.30 0.24 -28.80
CA HIS E 19 -31.14 1.36 -28.42
C HIS E 19 -30.51 2.00 -27.20
N ASN E 20 -30.21 3.31 -27.28
CA ASN E 20 -29.58 4.00 -26.16
C ASN E 20 -30.62 4.54 -25.22
N ARG E 21 -30.66 3.98 -24.00
CA ARG E 21 -31.58 4.41 -22.96
C ARG E 21 -30.87 5.35 -21.98
N ASN E 22 -29.54 5.48 -22.10
CA ASN E 22 -28.71 6.38 -21.29
C ASN E 22 -28.71 7.81 -21.90
N THR E 23 -29.82 8.52 -21.71
CA THR E 23 -30.03 9.88 -22.23
C THR E 23 -30.40 10.90 -21.13
N ASN E 24 -30.94 10.43 -19.99
CA ASN E 24 -31.26 11.31 -18.88
C ASN E 24 -29.96 11.62 -18.10
N THR E 25 -29.19 12.58 -18.67
CA THR E 25 -27.93 13.09 -18.12
C THR E 25 -28.13 14.58 -17.76
N ASN E 26 -29.41 15.03 -17.79
CA ASN E 26 -29.91 16.39 -17.50
C ASN E 26 -29.13 17.12 -16.35
N PRO E 27 -29.17 16.68 -15.05
CA PRO E 27 -28.32 17.37 -14.04
C PRO E 27 -26.88 16.92 -14.24
N LYS E 28 -25.91 17.83 -14.05
CA LYS E 28 -24.49 17.52 -14.26
C LYS E 28 -23.93 16.57 -13.16
N ARG E 29 -22.94 15.73 -13.52
CA ARG E 29 -22.36 14.71 -12.64
C ARG E 29 -20.87 14.45 -12.93
N SER E 30 -20.38 13.27 -12.44
CA SER E 30 -19.11 12.53 -12.57
C SER E 30 -17.80 13.31 -12.51
N SER E 31 -16.89 12.85 -11.63
CA SER E 31 -15.53 13.35 -11.47
C SER E 31 -14.64 12.10 -11.52
N ASP E 32 -13.33 12.25 -11.22
CA ASP E 32 -12.39 11.14 -11.12
C ASP E 32 -12.08 10.91 -9.64
N TYR E 33 -12.68 9.84 -9.12
CA TYR E 33 -12.62 9.42 -7.74
C TYR E 33 -11.47 8.46 -7.43
N TYR E 34 -10.87 7.81 -8.45
CA TYR E 34 -9.80 6.82 -8.27
C TYR E 34 -8.62 7.26 -7.41
N ASP E 35 -8.35 8.60 -7.36
CA ASP E 35 -7.26 9.17 -6.58
C ASP E 35 -7.73 9.75 -5.27
N ARG E 36 -8.96 10.26 -5.24
CA ARG E 36 -9.56 10.90 -4.08
C ARG E 36 -10.18 9.93 -3.07
N SER E 37 -10.56 8.72 -3.53
CA SER E 37 -11.18 7.69 -2.69
C SER E 37 -10.29 7.30 -1.54
N THR E 38 -10.88 6.99 -0.37
CA THR E 38 -10.12 6.52 0.81
C THR E 38 -9.65 5.08 0.58
N SER E 39 -10.15 4.47 -0.50
CA SER E 39 -9.83 3.15 -1.04
C SER E 39 -9.47 3.48 -2.49
N PRO E 40 -8.32 4.15 -2.76
CA PRO E 40 -8.02 4.52 -4.15
C PRO E 40 -7.73 3.30 -4.99
N TRP E 41 -7.90 3.45 -6.32
CA TRP E 41 -7.60 2.39 -7.30
C TRP E 41 -6.82 2.87 -8.53
N ASN E 42 -6.58 1.94 -9.42
CA ASN E 42 -5.90 2.15 -10.68
C ASN E 42 -6.71 1.62 -11.81
N LEU E 43 -6.62 2.26 -12.98
CA LEU E 43 -7.39 1.84 -14.16
C LEU E 43 -6.65 0.88 -15.05
N HIS E 44 -7.35 -0.17 -15.46
CA HIS E 44 -6.81 -1.21 -16.31
C HIS E 44 -7.71 -1.43 -17.50
N ARG E 45 -7.14 -1.28 -18.68
CA ARG E 45 -7.84 -1.46 -19.95
C ARG E 45 -7.98 -2.95 -20.23
N ASN E 46 -9.20 -3.40 -20.50
CA ASN E 46 -9.52 -4.77 -20.84
C ASN E 46 -10.03 -4.75 -22.29
N GLU E 47 -9.19 -5.18 -23.26
CA GLU E 47 -9.68 -5.11 -24.63
C GLU E 47 -9.69 -6.49 -25.35
N ASP E 48 -10.76 -6.73 -26.10
CA ASP E 48 -10.92 -7.93 -26.91
C ASP E 48 -11.63 -7.54 -28.21
N PRO E 49 -10.89 -7.58 -29.35
CA PRO E 49 -11.48 -7.23 -30.64
C PRO E 49 -12.65 -8.11 -31.05
N GLU E 50 -12.68 -9.35 -30.54
CA GLU E 50 -13.71 -10.34 -30.78
C GLU E 50 -14.93 -10.17 -29.90
N ARG E 51 -14.89 -9.25 -28.91
CA ARG E 51 -16.13 -9.00 -28.16
C ARG E 51 -16.61 -7.58 -28.28
N TYR E 52 -17.89 -7.37 -27.90
CA TYR E 52 -18.57 -6.08 -27.86
C TYR E 52 -19.11 -5.92 -26.46
N PRO E 53 -18.71 -4.82 -25.76
CA PRO E 53 -17.76 -3.78 -26.18
C PRO E 53 -16.31 -4.24 -26.22
N SER E 54 -15.48 -3.71 -27.13
CA SER E 54 -14.07 -4.10 -27.27
C SER E 54 -13.25 -3.78 -26.07
N VAL E 55 -13.24 -2.51 -25.67
CA VAL E 55 -12.49 -2.06 -24.50
C VAL E 55 -13.43 -1.78 -23.35
N ILE E 56 -13.06 -2.26 -22.14
CA ILE E 56 -13.78 -2.05 -20.87
C ILE E 56 -12.70 -1.61 -19.87
N TRP E 57 -12.89 -0.47 -19.17
CA TRP E 57 -11.90 -0.05 -18.18
C TRP E 57 -12.31 -0.53 -16.78
N GLU E 58 -11.47 -1.39 -16.22
CA GLU E 58 -11.66 -1.94 -14.90
C GLU E 58 -10.76 -1.26 -13.87
N ALA E 59 -11.12 -1.39 -12.61
CA ALA E 59 -10.43 -0.83 -11.47
C ALA E 59 -9.72 -1.95 -10.76
N LYS E 60 -8.56 -1.65 -10.15
CA LYS E 60 -7.82 -2.61 -9.34
C LYS E 60 -7.39 -1.82 -8.14
N CYS E 61 -7.78 -2.27 -6.93
CA CYS E 61 -7.44 -1.60 -5.67
C CYS E 61 -5.94 -1.40 -5.48
N ARG E 62 -5.54 -0.14 -5.18
CA ARG E 62 -4.16 0.27 -4.92
C ARG E 62 -3.58 -0.37 -3.62
N HIS E 63 -4.34 -0.32 -2.51
CA HIS E 63 -3.87 -0.82 -1.23
C HIS E 63 -4.66 -2.00 -0.67
N LEU E 64 -4.22 -2.56 0.48
CA LEU E 64 -4.98 -3.62 1.12
C LEU E 64 -5.87 -2.93 2.14
N GLY E 65 -5.31 -1.91 2.79
CA GLY E 65 -5.97 -1.06 3.78
C GLY E 65 -6.52 0.22 3.15
N CYS E 66 -6.98 1.16 3.98
CA CYS E 66 -7.54 2.42 3.48
C CYS E 66 -6.66 3.59 3.83
N ILE E 67 -6.69 4.65 3.01
CA ILE E 67 -5.87 5.81 3.30
C ILE E 67 -6.54 6.63 4.39
N ASN E 68 -5.81 6.95 5.45
CA ASN E 68 -6.40 7.72 6.55
C ASN E 68 -6.06 9.19 6.41
N ALA E 69 -6.59 10.05 7.32
CA ALA E 69 -6.43 11.50 7.32
C ALA E 69 -4.99 11.95 7.09
N ASP E 70 -4.03 11.23 7.67
CA ASP E 70 -2.59 11.51 7.57
C ASP E 70 -2.00 11.14 6.20
N GLY E 71 -2.78 10.47 5.36
CA GLY E 71 -2.32 10.08 4.04
C GLY E 71 -1.57 8.75 3.99
N ASN E 72 -1.64 7.96 5.07
CA ASN E 72 -1.03 6.64 5.14
C ASN E 72 -2.09 5.55 5.18
N VAL E 73 -1.74 4.32 4.74
CA VAL E 73 -2.63 3.17 4.73
C VAL E 73 -2.86 2.60 6.16
N ASP E 74 -4.14 2.50 6.53
CA ASP E 74 -4.72 2.04 7.79
C ASP E 74 -5.16 0.60 7.54
N TYR E 75 -4.57 -0.37 8.28
CA TYR E 75 -4.84 -1.78 8.03
C TYR E 75 -6.03 -2.42 8.78
N HIS E 76 -6.67 -1.70 9.72
CA HIS E 76 -7.82 -2.24 10.44
C HIS E 76 -9.11 -2.03 9.60
N MET E 77 -8.92 -1.68 8.31
CA MET E 77 -9.95 -1.44 7.30
C MET E 77 -9.54 -2.16 6.04
N ASN E 78 -10.47 -2.37 5.12
CA ASN E 78 -10.12 -3.06 3.88
C ASN E 78 -10.50 -2.28 2.65
N SER E 79 -9.53 -2.08 1.73
CA SER E 79 -9.77 -1.49 0.41
C SER E 79 -10.32 -2.70 -0.42
N VAL E 80 -11.62 -2.70 -0.83
CA VAL E 80 -12.18 -3.83 -1.58
C VAL E 80 -12.85 -3.45 -2.89
N PRO E 81 -12.77 -4.30 -3.96
CA PRO E 81 -13.40 -3.91 -5.23
C PRO E 81 -14.91 -4.00 -5.22
N ILE E 82 -15.53 -3.15 -6.04
CA ILE E 82 -16.96 -3.11 -6.31
C ILE E 82 -17.03 -3.85 -7.64
N GLN E 83 -17.57 -5.09 -7.63
CA GLN E 83 -17.65 -5.94 -8.83
C GLN E 83 -19.03 -5.92 -9.46
N GLN E 84 -19.08 -6.14 -10.78
CA GLN E 84 -20.29 -6.13 -11.56
C GLN E 84 -20.30 -7.31 -12.53
N GLU E 85 -21.46 -8.04 -12.59
CA GLU E 85 -21.71 -9.14 -13.52
C GLU E 85 -22.22 -8.39 -14.75
N ILE E 86 -21.53 -8.50 -15.88
CA ILE E 86 -21.94 -7.69 -17.02
C ILE E 86 -22.14 -8.53 -18.32
N LEU E 87 -23.23 -8.25 -19.11
CA LEU E 87 -23.44 -8.92 -20.42
C LEU E 87 -22.48 -8.42 -21.51
N VAL E 88 -21.88 -9.35 -22.27
CA VAL E 88 -21.00 -9.01 -23.39
C VAL E 88 -21.36 -9.92 -24.57
N LEU E 89 -21.14 -9.42 -25.81
CA LEU E 89 -21.40 -10.16 -27.06
C LEU E 89 -20.06 -10.58 -27.66
N ARG E 90 -19.84 -11.89 -27.91
CA ARG E 90 -18.60 -12.35 -28.52
C ARG E 90 -18.85 -12.91 -29.96
N ARG E 91 -17.90 -12.66 -30.93
CA ARG E 91 -18.07 -13.17 -32.29
C ARG E 91 -17.12 -14.34 -32.50
N GLU E 92 -17.73 -15.51 -32.71
CA GLU E 92 -17.07 -16.81 -32.78
C GLU E 92 -16.04 -16.93 -33.93
N PRO E 93 -14.90 -17.66 -33.67
CA PRO E 93 -13.87 -17.94 -34.69
C PRO E 93 -13.87 -17.21 -36.08
N PRO E 94 -14.30 -17.58 -37.33
CA PRO E 94 -15.22 -18.61 -37.85
C PRO E 94 -14.77 -20.05 -38.02
N HIS E 95 -15.64 -20.89 -37.48
CA HIS E 95 -15.73 -22.34 -37.36
C HIS E 95 -16.71 -22.64 -36.20
N SER E 96 -17.69 -23.51 -36.53
CA SER E 96 -18.81 -24.03 -35.72
C SER E 96 -19.89 -23.01 -35.43
N PRO E 97 -21.12 -23.45 -35.18
CA PRO E 97 -22.17 -22.50 -34.78
C PRO E 97 -22.08 -22.18 -33.28
N ASN E 98 -22.34 -20.96 -32.87
CA ASN E 98 -22.81 -19.97 -33.82
C ASN E 98 -21.72 -19.02 -34.31
N SER E 99 -22.19 -17.89 -34.78
CA SER E 99 -21.48 -16.74 -35.27
C SER E 99 -21.26 -15.85 -34.06
N PHE E 100 -22.27 -15.81 -33.14
CA PHE E 100 -22.26 -14.98 -31.93
C PHE E 100 -22.48 -15.73 -30.63
N ARG E 101 -22.10 -15.10 -29.51
CA ARG E 101 -22.17 -15.65 -28.16
C ARG E 101 -22.56 -14.58 -27.15
N LEU E 102 -23.49 -14.91 -26.29
CA LEU E 102 -23.89 -13.96 -25.26
C LEU E 102 -23.33 -14.46 -23.94
N GLU E 103 -22.47 -13.65 -23.34
CA GLU E 103 -21.80 -14.07 -22.14
C GLU E 103 -21.94 -13.11 -20.99
N LYS E 104 -21.77 -13.61 -19.76
CA LYS E 104 -21.72 -12.75 -18.58
C LYS E 104 -20.27 -12.79 -18.11
N ILE E 105 -19.72 -11.64 -17.67
CA ILE E 105 -18.33 -11.56 -17.17
C ILE E 105 -18.27 -10.77 -15.88
N LEU E 106 -17.32 -11.12 -14.99
CA LEU E 106 -17.13 -10.36 -13.74
C LEU E 106 -16.14 -9.24 -13.97
N VAL E 107 -16.57 -8.04 -13.64
CA VAL E 107 -15.83 -6.81 -13.88
C VAL E 107 -15.63 -5.98 -12.56
N SER E 108 -14.44 -5.33 -12.35
CA SER E 108 -14.23 -4.48 -11.17
C SER E 108 -14.33 -3.07 -11.65
N VAL E 109 -15.35 -2.38 -11.18
CA VAL E 109 -15.83 -1.03 -11.52
C VAL E 109 -15.24 0.10 -10.65
N GLY E 110 -14.84 -0.23 -9.43
CA GLY E 110 -14.22 0.73 -8.52
C GLY E 110 -13.78 0.04 -7.25
N CYS E 111 -13.45 0.82 -6.21
CA CYS E 111 -13.09 0.27 -4.91
C CYS E 111 -13.79 1.01 -3.81
N THR E 112 -14.13 0.30 -2.74
CA THR E 112 -14.75 0.90 -1.58
C THR E 112 -13.93 0.52 -0.36
N CYS E 113 -14.18 1.19 0.78
CA CYS E 113 -13.50 0.87 2.03
C CYS E 113 -14.48 0.15 2.95
N VAL E 114 -14.11 -1.02 3.48
CA VAL E 114 -15.04 -1.78 4.31
C VAL E 114 -14.45 -2.10 5.69
N THR E 115 -15.35 -2.21 6.68
CA THR E 115 -14.98 -2.60 8.03
C THR E 115 -14.95 -4.14 8.04
N PRO E 116 -13.86 -4.77 8.52
CA PRO E 116 -13.83 -6.24 8.50
C PRO E 116 -14.67 -6.86 9.61
N ILE E 117 -15.11 -8.12 9.45
CA ILE E 117 -15.86 -8.78 10.53
C ILE E 117 -14.89 -9.46 11.48
N LEU F 2 -22.05 11.34 -22.25
CA LEU F 2 -21.32 12.08 -23.29
C LEU F 2 -22.34 12.70 -24.27
N ARG F 3 -21.93 13.75 -24.99
CA ARG F 3 -22.83 14.38 -25.95
C ARG F 3 -22.06 15.08 -27.04
N LEU F 4 -22.76 15.48 -28.12
CA LEU F 4 -22.20 16.31 -29.19
C LEU F 4 -22.62 17.72 -28.80
N LEU F 5 -21.90 18.80 -29.21
CA LEU F 5 -22.35 20.10 -28.69
C LEU F 5 -23.59 20.63 -29.41
N ASP F 6 -23.76 20.24 -30.68
CA ASP F 6 -24.93 20.64 -31.46
C ASP F 6 -25.41 19.49 -32.30
N HIS F 7 -26.68 19.51 -32.66
CA HIS F 7 -27.22 18.51 -33.56
C HIS F 7 -27.27 19.06 -34.99
N ARG F 8 -26.47 20.12 -35.24
CA ARG F 8 -26.32 20.80 -36.53
C ARG F 8 -25.87 19.82 -37.61
N ALA F 9 -26.13 20.16 -38.89
CA ALA F 9 -25.74 19.33 -40.01
C ALA F 9 -24.23 19.21 -39.96
N LEU F 10 -23.75 18.03 -39.57
CA LEU F 10 -22.31 17.80 -39.47
C LEU F 10 -21.70 17.46 -40.83
N VAL F 11 -20.53 18.05 -41.11
CA VAL F 11 -19.86 17.84 -42.40
C VAL F 11 -18.52 17.16 -42.25
N CYS F 12 -18.24 16.16 -43.12
CA CYS F 12 -16.93 15.51 -43.07
C CYS F 12 -16.21 15.62 -44.43
N SER F 13 -16.95 16.11 -45.44
CA SER F 13 -16.50 16.33 -46.82
C SER F 13 -15.38 17.37 -46.90
N GLN F 14 -14.54 17.23 -47.93
CA GLN F 14 -13.42 18.13 -48.22
C GLN F 14 -13.08 18.02 -49.70
N PRO F 15 -12.34 18.99 -50.30
CA PRO F 15 -11.97 18.87 -51.72
C PRO F 15 -11.35 17.51 -52.03
N GLY F 16 -11.93 16.82 -53.01
CA GLY F 16 -11.51 15.51 -53.47
C GLY F 16 -12.29 14.37 -52.87
N LEU F 17 -13.03 14.65 -51.78
CA LEU F 17 -13.78 13.65 -51.03
C LEU F 17 -15.18 14.05 -50.62
N ASN F 18 -16.15 13.21 -50.96
CA ASN F 18 -17.53 13.40 -50.56
C ASN F 18 -17.90 12.43 -49.42
N CYS F 19 -18.27 12.96 -48.25
CA CYS F 19 -18.74 12.14 -47.13
C CYS F 19 -19.69 12.89 -46.22
N THR F 20 -20.59 12.13 -45.59
CA THR F 20 -21.54 12.61 -44.60
C THR F 20 -21.23 11.93 -43.29
N VAL F 21 -21.40 12.65 -42.19
CA VAL F 21 -21.16 12.07 -40.88
C VAL F 21 -22.50 11.51 -40.37
N LYS F 22 -22.62 10.17 -40.35
CA LYS F 22 -23.83 9.47 -39.89
C LYS F 22 -23.56 9.08 -38.43
N ASN F 23 -24.60 8.90 -37.61
CA ASN F 23 -24.23 8.46 -36.27
C ASN F 23 -24.26 6.96 -36.20
N SER F 24 -23.50 6.40 -35.26
CA SER F 24 -23.44 4.97 -35.09
C SER F 24 -23.59 4.55 -33.66
N THR F 25 -24.13 3.32 -33.49
CA THR F 25 -24.17 2.47 -32.31
C THR F 25 -22.71 2.04 -32.37
N CYS F 26 -21.95 2.03 -31.29
CA CYS F 26 -20.52 1.70 -31.49
C CYS F 26 -20.23 0.25 -32.04
N LEU F 27 -21.30 -0.55 -32.25
CA LEU F 27 -21.27 -1.89 -32.83
C LEU F 27 -21.43 -1.73 -34.35
N ASP F 28 -20.31 -1.61 -35.11
CA ASP F 28 -20.32 -1.46 -36.58
C ASP F 28 -20.74 -2.70 -37.34
N ASP F 29 -21.41 -2.50 -38.53
CA ASP F 29 -21.87 -3.57 -39.42
C ASP F 29 -20.70 -4.47 -39.87
N SER F 30 -19.52 -3.87 -40.15
CA SER F 30 -18.32 -4.60 -40.61
C SER F 30 -17.72 -5.54 -39.54
N TRP F 31 -18.17 -5.41 -38.27
CA TRP F 31 -17.75 -6.31 -37.19
C TRP F 31 -18.71 -7.50 -37.21
N ILE F 32 -20.00 -7.25 -37.46
CA ILE F 32 -20.99 -8.32 -37.55
C ILE F 32 -20.68 -9.15 -38.78
N HIS F 33 -20.46 -8.46 -39.92
CA HIS F 33 -20.20 -9.05 -41.23
C HIS F 33 -18.82 -8.68 -41.79
N PRO F 34 -17.77 -9.47 -41.43
CA PRO F 34 -16.41 -9.15 -41.88
C PRO F 34 -16.15 -9.36 -43.37
N ARG F 35 -15.34 -8.44 -43.96
CA ARG F 35 -14.93 -8.44 -45.37
C ARG F 35 -13.43 -8.72 -45.46
N ASN F 36 -13.04 -9.46 -46.50
CA ASN F 36 -11.67 -9.94 -46.76
C ASN F 36 -10.63 -8.82 -46.95
N LEU F 37 -10.97 -7.75 -47.71
CA LEU F 37 -10.02 -6.66 -47.96
C LEU F 37 -10.26 -5.44 -47.06
N THR F 38 -9.46 -5.33 -45.98
CA THR F 38 -9.59 -4.26 -44.98
C THR F 38 -8.57 -3.11 -45.15
N PRO F 39 -8.95 -1.83 -44.85
CA PRO F 39 -7.97 -0.74 -44.97
C PRO F 39 -6.98 -0.76 -43.83
N SER F 40 -5.87 -0.05 -44.03
CA SER F 40 -4.82 0.09 -43.04
C SER F 40 -5.21 1.12 -42.00
N SER F 41 -4.51 1.08 -40.89
CA SER F 41 -4.63 1.89 -39.71
C SER F 41 -4.53 3.41 -39.95
N PRO F 42 -5.18 4.28 -39.09
CA PRO F 42 -4.92 5.73 -39.21
C PRO F 42 -3.51 5.99 -38.69
N LYS F 43 -3.04 7.22 -38.82
CA LYS F 43 -1.69 7.64 -38.43
C LYS F 43 -1.79 9.01 -37.75
N ASP F 44 -0.85 9.28 -36.85
CA ASP F 44 -0.72 10.54 -36.11
C ASP F 44 -2.02 11.06 -35.49
N LEU F 45 -2.73 10.19 -34.74
CA LEU F 45 -3.93 10.58 -34.00
C LEU F 45 -3.46 11.59 -32.93
N GLN F 46 -4.13 12.73 -32.88
CA GLN F 46 -3.85 13.78 -31.93
C GLN F 46 -5.20 14.32 -31.44
N ILE F 47 -5.34 14.47 -30.11
CA ILE F 47 -6.56 15.00 -29.49
C ILE F 47 -6.19 16.24 -28.69
N GLN F 48 -6.72 17.41 -29.07
CA GLN F 48 -6.41 18.64 -28.34
C GLN F 48 -7.62 19.19 -27.61
N LEU F 49 -7.38 19.99 -26.54
CA LEU F 49 -8.50 20.60 -25.83
C LEU F 49 -8.89 21.90 -26.49
N HIS F 50 -10.10 21.93 -27.04
CA HIS F 50 -10.65 23.11 -27.69
C HIS F 50 -11.86 23.56 -26.87
N PHE F 51 -12.33 24.77 -27.14
CA PHE F 51 -13.48 25.34 -26.46
C PHE F 51 -14.39 25.82 -27.53
N ALA F 52 -15.71 25.62 -27.35
CA ALA F 52 -16.69 26.00 -28.36
C ALA F 52 -17.97 26.55 -27.78
N HIS F 53 -18.75 27.28 -28.60
CA HIS F 53 -20.02 27.84 -28.18
C HIS F 53 -21.20 27.16 -28.87
N THR F 54 -22.29 26.97 -28.11
CA THR F 54 -23.51 26.38 -28.65
C THR F 54 -24.26 27.49 -29.35
N GLN F 55 -25.13 27.10 -30.31
CA GLN F 55 -26.00 27.98 -31.10
C GLN F 55 -26.77 28.98 -30.20
N GLN F 56 -26.91 28.64 -28.91
CA GLN F 56 -27.56 29.42 -27.84
C GLN F 56 -26.60 30.48 -27.30
N GLY F 57 -25.45 30.05 -26.76
CA GLY F 57 -24.45 30.97 -26.21
C GLY F 57 -23.43 30.41 -25.24
N ASP F 58 -23.78 29.36 -24.48
CA ASP F 58 -22.88 28.77 -23.49
C ASP F 58 -21.62 28.13 -24.12
N LEU F 59 -20.46 28.22 -23.43
CA LEU F 59 -19.16 27.71 -23.87
C LEU F 59 -18.83 26.38 -23.21
N PHE F 60 -18.46 25.36 -24.02
CA PHE F 60 -18.14 23.99 -23.58
C PHE F 60 -16.73 23.52 -23.92
N PRO F 61 -16.11 22.68 -23.06
CA PRO F 61 -14.80 22.13 -23.42
C PRO F 61 -15.07 20.98 -24.37
N VAL F 62 -14.51 21.08 -25.56
CA VAL F 62 -14.69 20.09 -26.61
C VAL F 62 -13.36 19.35 -26.92
N ALA F 63 -13.46 18.08 -27.33
CA ALA F 63 -12.31 17.28 -27.74
C ALA F 63 -12.09 17.47 -29.25
N HIS F 64 -10.87 17.90 -29.65
CA HIS F 64 -10.52 18.11 -31.06
C HIS F 64 -9.66 16.96 -31.56
N ILE F 65 -10.31 15.96 -32.19
CA ILE F 65 -9.67 14.76 -32.75
C ILE F 65 -9.16 15.06 -34.15
N GLU F 66 -7.88 14.77 -34.41
CA GLU F 66 -7.32 14.91 -35.75
C GLU F 66 -6.38 13.80 -36.06
N TRP F 67 -6.54 13.22 -37.24
CA TRP F 67 -5.70 12.12 -37.72
C TRP F 67 -5.43 12.21 -39.21
N THR F 68 -4.44 11.46 -39.65
CA THR F 68 -4.08 11.35 -41.06
C THR F 68 -4.12 9.88 -41.51
N LEU F 69 -4.13 9.68 -42.81
CA LEU F 69 -4.17 8.38 -43.47
C LEU F 69 -2.75 7.92 -43.79
N GLN F 70 -2.53 6.59 -43.86
CA GLN F 70 -1.25 6.02 -44.26
C GLN F 70 -1.21 5.93 -45.77
N THR F 71 -0.02 6.12 -46.34
CA THR F 71 0.37 6.18 -47.73
C THR F 71 0.13 4.93 -48.62
N ASP F 72 -0.21 3.79 -48.04
CA ASP F 72 -0.44 2.56 -48.79
C ASP F 72 -1.72 2.53 -49.63
N ALA F 73 -1.73 1.62 -50.63
CA ALA F 73 -2.83 1.39 -51.56
C ALA F 73 -4.15 0.95 -50.89
N SER F 74 -4.10 0.53 -49.59
CA SER F 74 -5.31 0.10 -48.87
C SER F 74 -6.40 1.20 -48.85
N ILE F 75 -6.00 2.47 -49.12
CA ILE F 75 -6.87 3.63 -49.21
C ILE F 75 -8.10 3.33 -50.09
N LEU F 76 -7.87 2.61 -51.21
CA LEU F 76 -8.92 2.22 -52.14
C LEU F 76 -10.05 1.44 -51.46
N TYR F 77 -9.72 0.73 -50.38
CA TYR F 77 -10.68 -0.11 -49.69
C TYR F 77 -11.19 0.53 -48.40
N LEU F 78 -10.73 1.77 -48.11
CA LEU F 78 -11.18 2.55 -46.95
C LEU F 78 -12.57 3.16 -47.23
N GLU F 79 -13.58 2.67 -46.51
CA GLU F 79 -14.97 3.05 -46.65
C GLU F 79 -15.42 4.22 -45.73
N GLY F 80 -14.71 4.44 -44.64
CA GLY F 80 -15.00 5.51 -43.71
C GLY F 80 -14.30 5.29 -42.39
N ALA F 81 -14.68 6.04 -41.36
CA ALA F 81 -14.05 5.90 -40.04
C ALA F 81 -15.03 6.02 -38.90
N GLU F 82 -14.82 5.24 -37.85
CA GLU F 82 -15.65 5.31 -36.66
C GLU F 82 -14.93 6.05 -35.52
N LEU F 83 -15.42 7.26 -35.17
CA LEU F 83 -14.89 8.12 -34.10
C LEU F 83 -15.62 7.80 -32.81
N SER F 84 -14.86 7.40 -31.77
CA SER F 84 -15.42 6.91 -30.53
C SER F 84 -14.81 7.55 -29.28
N VAL F 85 -15.68 8.04 -28.35
CA VAL F 85 -15.25 8.58 -27.06
C VAL F 85 -15.75 7.64 -25.96
N LEU F 86 -14.83 7.24 -25.05
CA LEU F 86 -15.12 6.34 -23.94
C LEU F 86 -14.73 7.03 -22.64
N GLN F 87 -15.70 7.34 -21.75
CA GLN F 87 -15.36 7.87 -20.43
C GLN F 87 -14.82 6.69 -19.59
N LEU F 88 -13.76 6.85 -18.79
CA LEU F 88 -13.28 5.62 -18.14
C LEU F 88 -14.07 5.28 -16.88
N ASN F 89 -14.47 6.29 -16.08
CA ASN F 89 -15.19 6.10 -14.80
C ASN F 89 -16.47 5.28 -14.96
N THR F 90 -17.45 5.80 -15.74
CA THR F 90 -18.62 5.03 -16.16
C THR F 90 -18.07 4.36 -17.41
N ASN F 91 -18.58 3.24 -17.88
CA ASN F 91 -17.87 2.85 -19.12
C ASN F 91 -18.64 3.33 -20.36
N GLU F 92 -19.06 4.62 -20.33
CA GLU F 92 -19.88 5.29 -21.32
C GLU F 92 -19.12 5.51 -22.61
N ARG F 93 -19.73 5.15 -23.73
CA ARG F 93 -19.19 5.22 -25.08
C ARG F 93 -20.13 6.08 -25.93
N LEU F 94 -19.55 6.91 -26.83
CA LEU F 94 -20.31 7.70 -27.79
C LEU F 94 -19.62 7.65 -29.16
N CYS F 95 -20.38 7.35 -30.23
CA CYS F 95 -19.88 7.20 -31.60
C CYS F 95 -20.55 8.04 -32.63
N VAL F 96 -19.74 8.37 -33.63
CA VAL F 96 -20.13 9.10 -34.82
C VAL F 96 -19.34 8.42 -35.92
N ARG F 97 -19.93 8.26 -37.08
CA ARG F 97 -19.25 7.58 -38.18
C ARG F 97 -19.08 8.47 -39.41
N PHE F 98 -17.86 8.50 -40.00
CA PHE F 98 -17.63 9.18 -41.27
C PHE F 98 -17.91 8.14 -42.38
N GLU F 99 -18.83 8.45 -43.30
CA GLU F 99 -19.21 7.52 -44.39
C GLU F 99 -18.73 8.05 -45.73
N PHE F 100 -17.64 7.50 -46.30
CA PHE F 100 -17.12 7.96 -47.60
C PHE F 100 -18.02 7.55 -48.75
N LEU F 101 -18.69 8.56 -49.33
CA LEU F 101 -19.63 8.43 -50.44
C LEU F 101 -18.87 8.28 -51.76
N SER F 102 -17.62 8.79 -51.83
CA SER F 102 -16.72 8.68 -52.98
C SER F 102 -15.53 7.75 -52.61
N LYS F 103 -14.66 7.41 -53.59
CA LYS F 103 -13.47 6.58 -53.34
C LYS F 103 -12.18 7.35 -53.45
N LEU F 104 -11.29 7.16 -52.48
CA LEU F 104 -10.00 7.83 -52.44
C LEU F 104 -9.03 6.96 -53.23
N ARG F 105 -8.48 7.50 -54.34
CA ARG F 105 -7.61 6.72 -55.23
C ARG F 105 -6.13 7.06 -55.07
N HIS F 106 -5.77 8.33 -55.21
CA HIS F 106 -4.38 8.76 -55.10
C HIS F 106 -4.04 9.16 -53.67
N HIS F 107 -2.79 9.50 -53.48
CA HIS F 107 -2.23 10.00 -52.23
C HIS F 107 -1.46 11.29 -52.51
N HIS F 108 -1.61 11.84 -53.76
CA HIS F 108 -0.95 13.07 -54.25
C HIS F 108 -0.81 14.09 -53.13
N ARG F 109 -1.91 14.41 -52.47
CA ARG F 109 -1.88 15.26 -51.29
C ARG F 109 -2.46 14.50 -50.11
N ARG F 110 -1.66 14.38 -49.02
CA ARG F 110 -1.98 13.65 -47.80
C ARG F 110 -3.31 14.07 -47.21
N TRP F 111 -4.15 13.05 -46.92
CA TRP F 111 -5.49 13.21 -46.40
C TRP F 111 -5.47 13.37 -44.89
N ARG F 112 -6.01 14.50 -44.42
CA ARG F 112 -6.08 14.83 -42.99
C ARG F 112 -7.53 15.02 -42.59
N PHE F 113 -7.91 14.49 -41.40
CA PHE F 113 -9.28 14.61 -40.88
C PHE F 113 -9.33 15.20 -39.50
N THR F 114 -10.45 15.86 -39.18
CA THR F 114 -10.73 16.44 -37.86
C THR F 114 -12.19 16.20 -37.46
N PHE F 115 -12.45 16.20 -36.16
CA PHE F 115 -13.79 16.16 -35.59
C PHE F 115 -13.73 16.82 -34.24
N SER F 116 -14.47 17.94 -34.11
CA SER F 116 -14.43 18.76 -32.89
C SER F 116 -15.82 18.94 -32.21
N HIS F 117 -16.69 17.91 -32.27
CA HIS F 117 -18.03 18.01 -31.71
C HIS F 117 -18.26 17.23 -30.44
N PHE F 118 -17.27 16.43 -30.01
CA PHE F 118 -17.42 15.65 -28.81
C PHE F 118 -17.24 16.51 -27.57
N VAL F 119 -18.34 16.75 -26.84
CA VAL F 119 -18.30 17.52 -25.59
C VAL F 119 -17.71 16.63 -24.54
N VAL F 120 -16.78 17.19 -23.82
CA VAL F 120 -15.99 16.56 -22.80
C VAL F 120 -16.17 17.38 -21.48
N ASP F 121 -16.02 16.72 -20.32
CA ASP F 121 -16.21 17.32 -19.01
C ASP F 121 -14.90 17.67 -18.29
N PRO F 122 -14.91 18.58 -17.27
CA PRO F 122 -13.66 18.88 -16.57
C PRO F 122 -13.23 17.76 -15.64
N ASP F 123 -11.91 17.70 -15.33
CA ASP F 123 -11.27 16.73 -14.45
C ASP F 123 -11.75 15.32 -14.76
N GLN F 124 -11.63 14.91 -16.05
CA GLN F 124 -12.11 13.63 -16.57
C GLN F 124 -11.12 12.99 -17.54
N GLU F 125 -11.11 11.66 -17.60
CA GLU F 125 -10.22 10.96 -18.52
C GLU F 125 -11.02 10.11 -19.43
N TYR F 126 -10.77 10.28 -20.72
CA TYR F 126 -11.46 9.60 -21.79
C TYR F 126 -10.51 8.76 -22.62
N GLU F 127 -11.06 7.89 -23.47
CA GLU F 127 -10.26 7.12 -24.41
C GLU F 127 -10.86 7.32 -25.78
N VAL F 128 -10.23 8.23 -26.54
CA VAL F 128 -10.77 8.56 -27.86
C VAL F 128 -10.04 7.73 -28.89
N THR F 129 -10.83 7.17 -29.80
CA THR F 129 -10.32 6.27 -30.81
C THR F 129 -11.00 6.47 -32.17
N VAL F 130 -10.19 6.39 -33.23
CA VAL F 130 -10.65 6.46 -34.62
C VAL F 130 -10.33 5.09 -35.23
N HIS F 131 -11.40 4.45 -35.73
CA HIS F 131 -11.36 3.11 -36.26
C HIS F 131 -11.68 3.09 -37.74
N HIS F 132 -10.68 2.82 -38.59
CA HIS F 132 -10.90 2.74 -40.03
C HIS F 132 -11.80 1.59 -40.37
N LEU F 133 -12.71 1.85 -41.34
CA LEU F 133 -13.78 0.97 -41.76
C LEU F 133 -13.62 0.53 -43.20
N PRO F 134 -13.80 -0.77 -43.50
CA PRO F 134 -14.22 -1.88 -42.61
C PRO F 134 -13.24 -2.19 -41.50
N LYS F 135 -13.76 -2.66 -40.35
CA LYS F 135 -12.90 -3.06 -39.22
C LYS F 135 -12.18 -4.37 -39.67
N PRO F 136 -11.09 -4.85 -39.02
CA PRO F 136 -10.41 -6.06 -39.51
C PRO F 136 -11.21 -7.37 -39.43
N ILE F 137 -10.71 -8.38 -40.15
CA ILE F 137 -11.25 -9.75 -40.12
C ILE F 137 -10.83 -10.38 -38.77
N PRO F 138 -11.37 -11.53 -38.32
CA PRO F 138 -10.90 -12.07 -37.04
C PRO F 138 -9.42 -12.49 -37.15
N ASP F 139 -8.66 -12.14 -36.11
CA ASP F 139 -7.21 -12.35 -35.99
C ASP F 139 -6.40 -11.47 -36.94
N GLY F 140 -7.05 -10.50 -37.60
CA GLY F 140 -6.39 -9.54 -38.49
C GLY F 140 -5.68 -8.43 -37.73
N ASP F 141 -4.78 -7.71 -38.42
CA ASP F 141 -4.02 -6.59 -37.86
C ASP F 141 -4.96 -5.40 -37.53
N PRO F 142 -4.69 -4.67 -36.44
CA PRO F 142 -5.62 -3.68 -35.88
C PRO F 142 -6.35 -2.58 -36.69
N ASN F 143 -5.70 -1.84 -37.59
CA ASN F 143 -6.39 -0.80 -38.41
C ASN F 143 -7.15 0.34 -37.62
N HIS F 144 -6.79 0.56 -36.36
CA HIS F 144 -7.34 1.66 -35.58
C HIS F 144 -6.24 2.30 -34.71
N GLN F 145 -6.53 3.47 -34.14
CA GLN F 145 -5.64 4.21 -33.24
C GLN F 145 -6.44 4.83 -32.11
N SER F 146 -5.99 4.59 -30.87
CA SER F 146 -6.62 5.10 -29.65
C SER F 146 -5.59 5.94 -28.91
N LYS F 147 -6.05 6.96 -28.17
CA LYS F 147 -5.25 7.81 -27.30
C LYS F 147 -6.11 8.22 -26.13
N ASN F 148 -5.51 8.36 -24.95
CA ASN F 148 -6.31 8.79 -23.80
C ASN F 148 -6.27 10.28 -23.76
N PHE F 149 -7.40 10.89 -23.44
CA PHE F 149 -7.51 12.33 -23.33
C PHE F 149 -7.74 12.66 -21.88
N LEU F 150 -6.96 13.58 -21.34
CA LEU F 150 -7.11 13.96 -19.95
C LEU F 150 -7.47 15.41 -19.84
N VAL F 151 -8.71 15.67 -19.46
CA VAL F 151 -9.24 17.02 -19.33
C VAL F 151 -8.92 17.65 -17.97
N PRO F 152 -8.38 18.89 -17.95
CA PRO F 152 -8.02 19.52 -16.66
C PRO F 152 -9.23 19.89 -15.80
N ASP F 153 -8.99 20.12 -14.50
CA ASP F 153 -10.03 20.52 -13.54
C ASP F 153 -10.41 21.99 -13.76
N CYS F 154 -11.42 22.48 -13.03
CA CYS F 154 -11.90 23.84 -13.16
C CYS F 154 -10.90 24.92 -12.71
N GLU F 155 -9.74 24.52 -12.16
CA GLU F 155 -8.70 25.47 -11.77
C GLU F 155 -7.93 26.01 -12.99
N HIS F 156 -7.93 25.23 -14.11
CA HIS F 156 -7.33 25.57 -15.39
C HIS F 156 -7.85 26.92 -15.88
N ALA F 157 -6.92 27.77 -16.32
CA ALA F 157 -7.16 29.13 -16.79
C ALA F 157 -8.38 29.30 -17.70
N ARG F 158 -8.42 28.55 -18.82
CA ARG F 158 -9.50 28.60 -19.82
C ARG F 158 -10.74 27.86 -19.35
N MET F 159 -10.53 26.76 -18.63
CA MET F 159 -11.57 25.88 -18.11
C MET F 159 -12.58 26.57 -17.19
N LYS F 160 -12.13 27.38 -16.21
CA LYS F 160 -13.06 28.01 -15.26
C LYS F 160 -14.13 28.93 -15.91
N VAL F 161 -13.87 29.39 -17.14
CA VAL F 161 -14.79 30.24 -17.90
C VAL F 161 -15.77 29.40 -18.74
N THR F 162 -15.72 28.06 -18.60
CA THR F 162 -16.60 27.17 -19.34
C THR F 162 -17.91 26.92 -18.56
N THR F 163 -19.02 26.68 -19.28
CA THR F 163 -20.37 26.44 -18.75
C THR F 163 -20.41 25.36 -17.65
N PRO F 164 -19.89 24.12 -17.83
CA PRO F 164 -19.93 23.12 -16.74
C PRO F 164 -19.19 23.52 -15.46
N CYS F 165 -18.10 24.28 -15.61
CA CYS F 165 -17.27 24.77 -14.52
C CYS F 165 -17.99 25.81 -13.72
N MET F 166 -18.50 26.82 -14.42
CA MET F 166 -19.23 27.93 -13.84
C MET F 166 -20.41 27.40 -13.06
N SER F 167 -21.20 26.46 -13.63
CA SER F 167 -22.36 25.85 -13.01
C SER F 167 -22.03 25.06 -11.73
N SER F 168 -20.77 24.71 -11.53
CA SER F 168 -20.30 24.04 -10.32
C SER F 168 -19.54 25.08 -9.43
N GLY F 169 -19.81 26.35 -9.72
CA GLY F 169 -19.32 27.53 -9.02
C GLY F 169 -17.85 27.86 -9.11
N SER F 170 -17.25 27.70 -10.31
CA SER F 170 -15.82 28.00 -10.51
C SER F 170 -15.49 29.49 -10.39
N LEU F 171 -16.47 30.34 -10.66
CA LEU F 171 -16.31 31.78 -10.59
C LEU F 171 -17.03 32.38 -9.39
N TRP F 172 -17.48 31.52 -8.46
CA TRP F 172 -18.14 31.95 -7.26
C TRP F 172 -17.08 32.33 -6.24
N ASP F 173 -17.11 33.59 -5.78
CA ASP F 173 -16.19 34.08 -4.76
C ASP F 173 -16.95 34.45 -3.51
N PRO F 174 -17.05 33.53 -2.54
CA PRO F 174 -17.71 33.91 -1.27
C PRO F 174 -16.69 34.76 -0.49
N ASP F 175 -17.04 35.99 -0.15
CA ASP F 175 -16.08 36.81 0.57
C ASP F 175 -16.16 36.43 2.04
N ILE F 176 -15.75 35.18 2.35
CA ILE F 176 -15.80 34.60 3.69
C ILE F 176 -15.07 35.48 4.67
N THR F 177 -15.80 35.94 5.70
CA THR F 177 -15.27 36.78 6.78
C THR F 177 -15.69 36.21 8.12
N VAL F 178 -14.76 35.49 8.77
CA VAL F 178 -14.99 34.93 10.09
C VAL F 178 -14.56 36.01 11.08
N GLU F 179 -15.54 36.55 11.83
CA GLU F 179 -15.35 37.64 12.79
C GLU F 179 -15.48 37.16 14.23
N THR F 180 -14.47 37.46 15.07
CA THR F 180 -14.49 37.09 16.49
C THR F 180 -15.20 38.19 17.27
N LEU F 181 -16.29 37.81 17.96
CA LEU F 181 -17.16 38.73 18.70
C LEU F 181 -17.16 38.53 20.22
N GLU F 182 -17.84 39.44 20.94
CA GLU F 182 -17.96 39.48 22.39
C GLU F 182 -18.72 38.27 22.94
N ALA F 183 -18.21 37.70 24.05
CA ALA F 183 -18.72 36.57 24.81
C ALA F 183 -19.01 35.30 23.97
N HIS F 184 -17.95 34.48 23.77
CA HIS F 184 -17.90 33.18 23.07
C HIS F 184 -18.79 33.08 21.82
N GLN F 185 -18.75 34.12 20.97
CA GLN F 185 -19.55 34.16 19.75
C GLN F 185 -18.70 34.47 18.52
N LEU F 186 -19.05 33.80 17.40
CA LEU F 186 -18.39 33.94 16.12
C LEU F 186 -19.43 34.29 15.06
N ARG F 187 -19.19 35.37 14.30
CA ARG F 187 -20.08 35.76 13.21
C ARG F 187 -19.39 35.44 11.89
N VAL F 188 -20.03 34.59 11.08
CA VAL F 188 -19.46 34.18 9.81
C VAL F 188 -20.36 34.64 8.65
N SER F 189 -19.79 35.51 7.81
CA SER F 189 -20.46 36.08 6.65
C SER F 189 -19.82 35.58 5.36
N PHE F 190 -20.63 35.42 4.31
CA PHE F 190 -20.22 35.01 2.97
C PHE F 190 -21.27 35.43 1.96
N THR F 191 -20.88 35.62 0.71
CA THR F 191 -21.83 36.02 -0.32
C THR F 191 -22.21 34.77 -1.15
N LEU F 192 -23.52 34.43 -1.15
CA LEU F 192 -24.01 33.23 -1.85
C LEU F 192 -24.16 33.41 -3.39
N TRP F 193 -24.18 32.29 -4.10
CA TRP F 193 -24.22 32.17 -5.56
C TRP F 193 -25.63 32.23 -6.18
N ASN F 194 -25.73 32.27 -7.54
CA ASN F 194 -26.97 32.34 -8.30
C ASN F 194 -27.58 30.96 -8.65
N GLU F 195 -27.87 30.16 -7.60
CA GLU F 195 -28.51 28.85 -7.73
C GLU F 195 -29.38 28.59 -6.52
N SER F 196 -30.56 28.01 -6.75
CA SER F 196 -31.55 27.71 -5.71
C SER F 196 -31.31 26.35 -5.02
N THR F 197 -30.06 26.11 -4.56
CA THR F 197 -29.65 24.89 -3.85
C THR F 197 -29.16 25.25 -2.45
N HIS F 198 -29.35 24.36 -1.47
CA HIS F 198 -28.96 24.67 -0.09
C HIS F 198 -27.44 24.74 0.12
N TYR F 199 -27.02 25.24 1.31
CA TYR F 199 -25.63 25.39 1.75
C TYR F 199 -25.45 24.84 3.16
N GLN F 200 -24.20 24.67 3.62
CA GLN F 200 -23.87 24.20 4.97
C GLN F 200 -22.65 24.96 5.51
N ILE F 201 -22.55 25.07 6.85
CA ILE F 201 -21.44 25.72 7.55
C ILE F 201 -20.86 24.70 8.52
N LEU F 202 -19.56 24.39 8.40
CA LEU F 202 -18.93 23.46 9.34
C LEU F 202 -17.89 24.21 10.13
N LEU F 203 -18.14 24.36 11.42
CA LEU F 203 -17.25 25.02 12.34
C LEU F 203 -16.58 23.95 13.18
N THR F 204 -15.26 23.89 13.07
CA THR F 204 -14.41 22.96 13.80
C THR F 204 -13.47 23.84 14.62
N SER F 205 -13.39 23.58 15.92
CA SER F 205 -12.55 24.36 16.84
C SER F 205 -11.36 23.54 17.30
N PHE F 206 -10.16 24.13 17.18
CA PHE F 206 -8.87 23.53 17.55
C PHE F 206 -8.26 24.27 18.77
N PRO F 207 -7.48 23.58 19.63
CA PRO F 207 -6.80 24.31 20.72
C PRO F 207 -5.57 25.04 20.15
N HIS F 208 -4.95 25.97 20.91
CA HIS F 208 -3.78 26.67 20.40
C HIS F 208 -2.62 25.67 20.17
N MET F 209 -2.22 25.48 18.89
CA MET F 209 -1.15 24.58 18.44
C MET F 209 -1.42 23.09 18.78
N GLU F 210 -2.57 22.55 18.32
CA GLU F 210 -2.98 21.15 18.52
C GLU F 210 -3.99 20.81 17.42
N ASN F 211 -3.78 19.68 16.71
CA ASN F 211 -4.62 19.25 15.58
C ASN F 211 -5.82 18.37 15.97
N HIS F 212 -6.44 18.65 17.13
CA HIS F 212 -7.59 17.90 17.64
C HIS F 212 -8.82 18.77 17.78
N SER F 213 -9.99 18.25 17.33
CA SER F 213 -11.27 18.96 17.38
C SER F 213 -11.87 19.01 18.80
N CYS F 214 -11.85 20.20 19.47
CA CYS F 214 -12.42 20.39 20.82
C CYS F 214 -13.91 20.72 20.75
N PHE F 215 -14.39 21.18 19.59
CA PHE F 215 -15.79 21.51 19.34
C PHE F 215 -16.11 21.48 17.84
N GLU F 216 -17.29 20.95 17.49
CA GLU F 216 -17.74 20.88 16.11
C GLU F 216 -19.23 21.15 16.00
N HIS F 217 -19.62 21.92 14.98
CA HIS F 217 -21.01 22.28 14.73
C HIS F 217 -21.30 22.40 13.24
N MET F 218 -22.44 21.85 12.81
CA MET F 218 -22.91 21.92 11.44
C MET F 218 -24.18 22.77 11.42
N HIS F 219 -24.15 23.84 10.62
CA HIS F 219 -25.27 24.77 10.46
C HIS F 219 -25.84 24.73 9.03
N HIS F 220 -27.18 24.72 8.89
CA HIS F 220 -27.88 24.66 7.60
C HIS F 220 -28.34 26.02 7.07
N ILE F 221 -28.21 26.21 5.75
CA ILE F 221 -28.64 27.40 5.01
C ILE F 221 -29.59 26.88 3.91
N PRO F 222 -30.92 27.09 4.04
CA PRO F 222 -31.84 26.56 3.01
C PRO F 222 -31.67 27.25 1.68
N ALA F 223 -32.06 26.55 0.60
CA ALA F 223 -31.97 27.01 -0.79
C ALA F 223 -32.53 28.44 -0.96
N PRO F 224 -31.78 29.37 -1.60
CA PRO F 224 -32.27 30.74 -1.71
C PRO F 224 -33.16 31.05 -2.92
N ARG F 225 -34.00 32.11 -2.77
CA ARG F 225 -34.92 32.65 -3.79
C ARG F 225 -34.10 33.29 -4.92
N PRO F 226 -34.60 33.42 -6.18
CA PRO F 226 -33.79 34.05 -7.24
C PRO F 226 -33.38 35.50 -6.98
N GLU F 227 -34.19 36.23 -6.18
CA GLU F 227 -33.92 37.62 -5.80
C GLU F 227 -32.78 37.68 -4.76
N GLU F 228 -32.68 36.66 -3.87
CA GLU F 228 -31.67 36.51 -2.82
C GLU F 228 -30.27 36.18 -3.36
N PHE F 229 -30.17 35.82 -4.66
CA PHE F 229 -28.90 35.48 -5.32
C PHE F 229 -27.91 36.63 -5.27
N HIS F 230 -26.62 36.31 -5.10
CA HIS F 230 -25.48 37.23 -5.01
C HIS F 230 -25.53 38.12 -3.74
N GLN F 231 -26.59 38.01 -2.91
CA GLN F 231 -26.74 38.76 -1.66
C GLN F 231 -26.02 38.03 -0.50
N ARG F 232 -25.68 38.75 0.57
CA ARG F 232 -24.95 38.19 1.72
C ARG F 232 -25.82 37.57 2.78
N SER F 233 -25.36 36.43 3.30
CA SER F 233 -26.02 35.71 4.38
C SER F 233 -25.04 35.44 5.51
N ASP F 234 -25.07 36.32 6.52
CA ASP F 234 -24.23 36.22 7.71
C ASP F 234 -25.01 35.47 8.79
N VAL F 235 -24.31 34.59 9.53
CA VAL F 235 -24.88 33.79 10.61
C VAL F 235 -23.94 33.88 11.82
N THR F 236 -24.51 34.10 13.00
CA THR F 236 -23.77 34.19 14.25
C THR F 236 -23.94 32.87 15.03
N LEU F 237 -22.83 32.15 15.22
CA LEU F 237 -22.79 30.86 15.93
C LEU F 237 -22.02 31.00 17.22
N THR F 238 -22.47 30.33 18.30
CA THR F 238 -21.77 30.41 19.58
C THR F 238 -20.86 29.19 19.76
N LEU F 239 -19.60 29.46 20.17
CA LEU F 239 -18.55 28.47 20.41
C LEU F 239 -18.77 27.74 21.73
N ARG F 240 -17.93 26.72 21.99
CA ARG F 240 -17.95 25.97 23.23
C ARG F 240 -17.17 26.81 24.26
N ASN F 241 -17.55 26.74 25.55
CA ASN F 241 -16.83 27.45 26.60
C ASN F 241 -15.59 26.64 26.95
N LEU F 242 -14.44 27.10 26.44
CA LEU F 242 -13.15 26.47 26.64
C LEU F 242 -12.04 27.51 26.45
N LYS F 243 -11.10 27.56 27.40
CA LYS F 243 -9.94 28.45 27.36
C LYS F 243 -8.80 27.66 26.68
N GLY F 244 -8.58 27.97 25.40
CA GLY F 244 -7.58 27.32 24.56
C GLY F 244 -8.14 26.95 23.20
N CYS F 245 -9.43 26.58 23.19
CA CYS F 245 -10.22 26.21 22.01
C CYS F 245 -10.62 27.54 21.32
N CYS F 246 -9.65 28.13 20.57
CA CYS F 246 -9.79 29.43 19.87
C CYS F 246 -9.36 29.41 18.38
N ARG F 247 -8.40 28.53 17.98
CA ARG F 247 -7.93 28.42 16.59
C ARG F 247 -9.04 27.75 15.75
N HIS F 248 -10.06 28.55 15.36
CA HIS F 248 -11.25 28.07 14.64
C HIS F 248 -11.06 27.91 13.12
N GLN F 249 -11.79 26.92 12.55
CA GLN F 249 -11.79 26.53 11.14
C GLN F 249 -13.27 26.44 10.70
N VAL F 250 -13.66 27.33 9.79
CA VAL F 250 -15.03 27.39 9.30
C VAL F 250 -15.07 27.16 7.79
N GLN F 251 -15.93 26.24 7.31
CA GLN F 251 -16.02 25.97 5.88
C GLN F 251 -17.46 25.94 5.36
N ILE F 252 -17.64 26.45 4.14
CA ILE F 252 -18.94 26.54 3.47
C ILE F 252 -19.07 25.46 2.41
N GLN F 253 -20.16 24.69 2.47
CA GLN F 253 -20.42 23.62 1.51
C GLN F 253 -21.62 23.91 0.60
N PRO F 254 -21.39 24.21 -0.69
CA PRO F 254 -22.53 24.41 -1.60
C PRO F 254 -23.08 23.06 -2.10
N PHE F 255 -24.34 23.06 -2.54
CA PHE F 255 -24.99 21.83 -3.04
C PHE F 255 -25.59 22.01 -4.44
N PHE F 256 -24.79 22.62 -5.33
CA PHE F 256 -25.12 22.91 -6.72
C PHE F 256 -25.41 21.63 -7.45
N SER F 257 -26.53 21.62 -8.19
CA SER F 257 -27.08 20.53 -9.02
C SER F 257 -26.04 19.76 -9.82
N SER F 258 -24.91 20.41 -10.09
CA SER F 258 -23.77 19.89 -10.86
C SER F 258 -22.87 18.95 -10.05
N CYS F 259 -22.68 19.25 -8.76
CA CYS F 259 -21.79 18.45 -7.92
C CYS F 259 -22.46 17.79 -6.75
N LEU F 260 -23.59 18.35 -6.28
CA LEU F 260 -24.38 17.85 -5.14
C LEU F 260 -23.55 17.91 -3.85
N ASN F 261 -23.26 16.77 -3.21
CA ASN F 261 -22.45 16.77 -1.99
C ASN F 261 -20.98 16.98 -2.30
N ASP F 262 -20.58 16.56 -3.50
CA ASP F 262 -19.21 16.64 -3.94
C ASP F 262 -18.80 18.01 -4.56
N CYS F 263 -19.35 19.13 -4.08
CA CYS F 263 -18.94 20.44 -4.58
C CYS F 263 -17.63 20.85 -3.92
N LEU F 264 -16.95 21.87 -4.47
CA LEU F 264 -15.75 22.38 -3.86
C LEU F 264 -16.16 23.22 -2.65
N ARG F 265 -15.58 22.90 -1.50
CA ARG F 265 -15.84 23.61 -0.25
C ARG F 265 -14.87 24.78 -0.13
N HIS F 266 -15.14 25.74 0.78
CA HIS F 266 -14.30 26.90 1.01
C HIS F 266 -14.03 27.05 2.49
N SER F 267 -12.75 26.87 2.91
CA SER F 267 -12.36 26.99 4.31
C SER F 267 -11.75 28.35 4.64
N ALA F 268 -11.90 28.76 5.90
CA ALA F 268 -11.38 30.00 6.47
C ALA F 268 -10.97 29.72 7.92
N THR F 269 -9.80 30.22 8.32
CA THR F 269 -9.29 30.01 9.68
C THR F 269 -8.85 31.35 10.29
N VAL F 270 -9.15 31.53 11.59
CA VAL F 270 -8.76 32.71 12.35
C VAL F 270 -8.06 32.20 13.63
N SER F 271 -6.70 32.23 13.62
CA SER F 271 -5.83 31.79 14.73
C SER F 271 -5.99 32.66 16.00
N CYS F 272 -5.55 32.14 17.17
CA CYS F 272 -5.63 32.82 18.48
C CYS F 272 -4.70 34.03 18.55
#